data_1NQI
#
_entry.id   1NQI
#
_cell.length_a   57.161
_cell.length_b   96.379
_cell.length_c   99.480
_cell.angle_alpha   90.00
_cell.angle_beta   100.98
_cell.angle_gamma   90.00
#
_symmetry.space_group_name_H-M   'P 1 21 1'
#
loop_
_entity.id
_entity.type
_entity.pdbx_description
1 polymer ALPHA-LACTALBUMIN
2 polymer BETA-1,4-GALACTOSYLTRANSFERASE
3 non-polymer 'CALCIUM ION'
4 non-polymer 2-acetamido-2-deoxy-beta-D-glucopyranose
5 water water
#
loop_
_entity_poly.entity_id
_entity_poly.type
_entity_poly.pdbx_seq_one_letter_code
_entity_poly.pdbx_strand_id
1 'polypeptide(L)'
;TELTKCKVSHAIKDIDGYQGISLLEWACVLFHTSGYDTQAVVNDNGSTEYGLFQISDRFWCKSSEFPESENICGISCDKL
LDDELDDDIACAKKILAIKGIDYWKAYKPMCSEKLEQWRCEKP
;
A,C
2 'polypeptide(L)'
;ASMTGGQQMGRGSSLTACPEESPLLVGPMLIEFNIPVDLKLVEQQNPKVKLGGRYTPMDCISPHKVAIIIPFRNRQEHLK
YWLYYLHPILQRQQLDYGIYVINQAGESMFNRAKLLNVGFKEALKDYDYNCFVFSDVDLIPMNDHNTYRCFSQPRHISVA
MDKFGFSLPYVQYFGGVSALSKQQFLSINGFPNNYWGWGGEDDDIYNRLAFRGMSVSRPNAVIGKCRMIRHSRDKKNEPN
PQRFDRIAHTKETMLSDGLNSLTYMVLEVQRYPLYTKITVDIGTPS
;
B,D
#
loop_
_chem_comp.id
_chem_comp.type
_chem_comp.name
_chem_comp.formula
CA non-polymer 'CALCIUM ION' 'Ca 2'
NAG D-saccharide, beta linking 2-acetamido-2-deoxy-beta-D-glucopyranose 'C8 H15 N O6'
#
# COMPACT_ATOMS: atom_id res chain seq x y z
N THR A 1 -5.17 -28.04 -5.51
CA THR A 1 -4.46 -26.74 -5.64
C THR A 1 -5.45 -25.59 -5.80
N GLU A 2 -5.19 -24.47 -5.12
CA GLU A 2 -6.04 -23.30 -5.25
C GLU A 2 -5.49 -22.50 -6.44
N LEU A 3 -6.16 -22.60 -7.58
CA LEU A 3 -5.72 -21.91 -8.78
C LEU A 3 -6.12 -20.44 -8.72
N THR A 4 -5.56 -19.64 -9.61
CA THR A 4 -5.91 -18.23 -9.66
C THR A 4 -6.96 -18.14 -10.76
N LYS A 5 -7.72 -17.06 -10.76
CA LYS A 5 -8.74 -16.86 -11.79
C LYS A 5 -8.16 -17.00 -13.19
N CYS A 6 -7.00 -16.39 -13.40
CA CYS A 6 -6.42 -16.46 -14.73
C CYS A 6 -5.96 -17.87 -15.09
N LYS A 7 -5.50 -18.61 -14.10
CA LYS A 7 -5.05 -19.96 -14.38
C LYS A 7 -6.25 -20.81 -14.85
N VAL A 8 -7.37 -20.63 -14.18
CA VAL A 8 -8.62 -21.35 -14.48
C VAL A 8 -9.15 -20.93 -15.85
N SER A 9 -9.24 -19.62 -16.07
CA SER A 9 -9.71 -19.06 -17.35
C SER A 9 -8.93 -19.61 -18.54
N HIS A 10 -7.61 -19.66 -18.39
CA HIS A 10 -6.76 -20.17 -19.46
C HIS A 10 -7.01 -21.67 -19.65
N ALA A 11 -7.16 -22.38 -18.56
CA ALA A 11 -7.39 -23.82 -18.62
C ALA A 11 -8.69 -24.20 -19.29
N ILE A 12 -9.72 -23.36 -19.16
CA ILE A 12 -11.04 -23.70 -19.70
C ILE A 12 -11.45 -23.05 -21.01
N LYS A 13 -10.48 -22.45 -21.71
CA LYS A 13 -10.73 -21.78 -22.98
C LYS A 13 -11.72 -22.48 -23.87
N ASP A 14 -11.52 -23.78 -24.06
CA ASP A 14 -12.36 -24.56 -24.96
C ASP A 14 -13.80 -24.83 -24.54
N ILE A 15 -14.25 -24.19 -23.46
CA ILE A 15 -15.61 -24.35 -22.98
C ILE A 15 -16.34 -23.02 -23.27
N ASP A 16 -15.57 -21.99 -23.60
CA ASP A 16 -16.07 -20.65 -23.89
C ASP A 16 -17.16 -20.62 -24.95
N GLY A 17 -18.32 -20.11 -24.59
CA GLY A 17 -19.40 -20.05 -25.55
C GLY A 17 -20.24 -21.32 -25.59
N TYR A 18 -19.70 -22.45 -25.13
CA TYR A 18 -20.48 -23.70 -25.17
C TYR A 18 -21.82 -23.55 -24.44
N GLN A 19 -22.92 -23.91 -25.11
CA GLN A 19 -24.25 -23.81 -24.52
C GLN A 19 -24.56 -22.35 -24.13
N GLY A 20 -23.81 -21.43 -24.73
CA GLY A 20 -24.02 -20.02 -24.49
C GLY A 20 -23.33 -19.39 -23.27
N ILE A 21 -22.51 -20.16 -22.55
CA ILE A 21 -21.85 -19.62 -21.36
C ILE A 21 -20.46 -19.05 -21.67
N SER A 22 -20.22 -17.81 -21.27
CA SER A 22 -18.91 -17.19 -21.55
C SER A 22 -17.86 -17.54 -20.51
N LEU A 23 -16.60 -17.21 -20.81
CA LEU A 23 -15.51 -17.45 -19.89
C LEU A 23 -15.68 -16.55 -18.66
N LEU A 24 -16.25 -15.36 -18.85
CA LEU A 24 -16.43 -14.44 -17.72
C LEU A 24 -17.40 -15.12 -16.77
N GLU A 25 -18.47 -15.64 -17.35
CA GLU A 25 -19.46 -16.31 -16.52
C GLU A 25 -18.86 -17.53 -15.84
N TRP A 26 -18.07 -18.31 -16.56
CA TRP A 26 -17.46 -19.48 -15.94
C TRP A 26 -16.50 -19.13 -14.82
N ALA A 27 -15.68 -18.10 -14.99
CA ALA A 27 -14.72 -17.70 -13.92
C ALA A 27 -15.50 -17.39 -12.65
N CYS A 28 -16.60 -16.68 -12.84
CA CYS A 28 -17.47 -16.31 -11.74
C CYS A 28 -18.08 -17.58 -11.12
N VAL A 29 -18.67 -18.43 -11.93
CA VAL A 29 -19.27 -19.66 -11.38
C VAL A 29 -18.26 -20.49 -10.60
N LEU A 30 -17.10 -20.74 -11.20
CA LEU A 30 -16.09 -21.57 -10.56
C LEU A 30 -15.57 -21.00 -9.26
N PHE A 31 -15.45 -19.67 -9.18
CA PHE A 31 -15.00 -19.11 -7.92
C PHE A 31 -15.99 -19.40 -6.80
N HIS A 32 -17.29 -19.17 -7.03
CA HIS A 32 -18.32 -19.42 -6.02
C HIS A 32 -18.68 -20.91 -5.85
N THR A 33 -18.23 -21.74 -6.78
CA THR A 33 -18.52 -23.18 -6.75
C THR A 33 -17.48 -23.93 -5.94
N SER A 34 -16.21 -23.64 -6.20
CA SER A 34 -15.13 -24.34 -5.51
C SER A 34 -14.04 -23.44 -4.98
N GLY A 35 -14.14 -22.14 -5.23
CA GLY A 35 -13.08 -21.25 -4.77
C GLY A 35 -11.81 -21.55 -5.55
N TYR A 36 -11.96 -22.13 -6.74
CA TYR A 36 -10.85 -22.50 -7.63
C TYR A 36 -9.92 -23.57 -7.04
N ASP A 37 -10.44 -24.37 -6.11
CA ASP A 37 -9.67 -25.44 -5.49
C ASP A 37 -9.92 -26.77 -6.23
N THR A 38 -8.92 -27.21 -6.99
CA THR A 38 -9.03 -28.43 -7.80
C THR A 38 -9.28 -29.69 -6.96
N GLN A 39 -9.04 -29.58 -5.65
CA GLN A 39 -9.20 -30.68 -4.72
C GLN A 39 -10.43 -30.57 -3.82
N ALA A 40 -11.32 -29.62 -4.12
CA ALA A 40 -12.51 -29.43 -3.29
C ALA A 40 -13.42 -30.67 -3.22
N VAL A 41 -13.88 -30.97 -2.02
CA VAL A 41 -14.76 -32.10 -1.82
C VAL A 41 -15.86 -31.71 -0.85
N VAL A 42 -17.10 -31.81 -1.30
CA VAL A 42 -18.23 -31.47 -0.45
C VAL A 42 -19.22 -32.64 -0.49
N ASN A 43 -19.52 -33.18 0.67
CA ASN A 43 -20.42 -34.34 0.76
C ASN A 43 -21.71 -34.00 1.45
N ASP A 44 -22.83 -34.14 0.72
CA ASP A 44 -24.12 -33.83 1.30
C ASP A 44 -25.32 -34.49 0.61
N ASN A 45 -26.37 -34.74 1.39
CA ASN A 45 -27.58 -35.32 0.83
C ASN A 45 -27.25 -36.70 0.22
N GLY A 46 -26.34 -37.43 0.85
CA GLY A 46 -25.99 -38.73 0.34
C GLY A 46 -25.13 -38.75 -0.92
N SER A 47 -24.50 -37.64 -1.28
CA SER A 47 -23.62 -37.65 -2.44
C SER A 47 -22.45 -36.72 -2.21
N THR A 48 -21.44 -36.84 -3.06
CA THR A 48 -20.23 -36.04 -2.91
C THR A 48 -19.90 -35.34 -4.20
N GLU A 49 -19.58 -34.05 -4.13
CA GLU A 49 -19.23 -33.28 -5.32
C GLU A 49 -17.72 -33.05 -5.34
N TYR A 50 -17.15 -33.19 -6.53
CA TYR A 50 -15.70 -33.16 -6.71
C TYR A 50 -15.06 -32.09 -7.56
N GLY A 51 -13.92 -31.59 -7.07
CA GLY A 51 -13.11 -30.65 -7.82
C GLY A 51 -13.61 -29.25 -8.12
N LEU A 52 -12.88 -28.61 -9.03
CA LEU A 52 -13.15 -27.25 -9.46
C LEU A 52 -14.60 -27.03 -9.86
N PHE A 53 -15.16 -28.00 -10.57
CA PHE A 53 -16.54 -27.96 -11.04
C PHE A 53 -17.53 -28.56 -10.08
N GLN A 54 -17.05 -29.22 -9.02
CA GLN A 54 -17.96 -29.84 -8.06
C GLN A 54 -18.93 -30.76 -8.77
N ILE A 55 -18.37 -31.69 -9.52
CA ILE A 55 -19.12 -32.70 -10.25
C ILE A 55 -19.53 -33.78 -9.26
N SER A 56 -20.82 -34.10 -9.26
CA SER A 56 -21.39 -35.05 -8.32
C SER A 56 -21.28 -36.52 -8.72
N ASP A 57 -21.09 -37.38 -7.72
CA ASP A 57 -21.01 -38.82 -7.99
C ASP A 57 -22.41 -39.44 -8.03
N ARG A 58 -23.42 -38.61 -7.79
CA ARG A 58 -24.80 -39.07 -7.84
C ARG A 58 -25.18 -39.53 -9.23
N PHE A 59 -24.62 -38.91 -10.27
CA PHE A 59 -24.92 -39.29 -11.65
C PHE A 59 -23.76 -39.22 -12.62
N TRP A 60 -22.83 -38.30 -12.35
CA TRP A 60 -21.75 -38.02 -13.29
C TRP A 60 -20.42 -38.75 -13.31
N CYS A 61 -19.89 -39.10 -12.15
CA CYS A 61 -18.61 -39.80 -12.10
C CYS A 61 -18.78 -40.97 -11.13
N LYS A 62 -17.90 -41.95 -11.21
CA LYS A 62 -18.00 -43.10 -10.32
C LYS A 62 -17.10 -43.00 -9.08
N SER A 63 -17.69 -43.26 -7.92
CA SER A 63 -16.92 -43.24 -6.68
C SER A 63 -17.02 -44.60 -5.97
N SER A 64 -16.27 -44.77 -4.89
CA SER A 64 -16.31 -46.03 -4.17
C SER A 64 -17.62 -46.14 -3.40
N GLU A 65 -17.94 -45.06 -2.72
CA GLU A 65 -19.13 -44.95 -1.89
C GLU A 65 -20.43 -45.23 -2.62
N PHE A 66 -20.53 -44.77 -3.86
CA PHE A 66 -21.73 -44.96 -4.68
C PHE A 66 -21.25 -45.50 -6.04
N PRO A 67 -20.68 -46.73 -6.06
CA PRO A 67 -20.13 -47.46 -7.21
C PRO A 67 -20.99 -47.72 -8.43
N GLU A 68 -22.30 -47.57 -8.30
CA GLU A 68 -23.17 -47.81 -9.44
C GLU A 68 -24.09 -46.63 -9.79
N SER A 69 -23.48 -45.47 -10.01
CA SER A 69 -24.23 -44.27 -10.42
C SER A 69 -24.17 -44.44 -11.92
N GLU A 70 -24.86 -43.60 -12.68
CA GLU A 70 -24.82 -43.74 -14.14
C GLU A 70 -23.45 -43.43 -14.67
N ASN A 71 -22.62 -42.80 -13.83
CA ASN A 71 -21.29 -42.45 -14.26
C ASN A 71 -21.35 -41.93 -15.68
N ILE A 72 -22.27 -40.99 -15.92
CA ILE A 72 -22.46 -40.41 -17.25
C ILE A 72 -21.18 -39.92 -17.89
N CYS A 73 -20.27 -39.36 -17.09
CA CYS A 73 -19.01 -38.90 -17.66
C CYS A 73 -17.97 -40.00 -17.95
N GLY A 74 -18.22 -41.22 -17.52
CA GLY A 74 -17.27 -42.30 -17.78
C GLY A 74 -15.89 -42.04 -17.23
N ILE A 75 -15.84 -41.67 -15.94
CA ILE A 75 -14.57 -41.33 -15.32
C ILE A 75 -14.70 -41.59 -13.83
N SER A 76 -13.59 -41.92 -13.20
CA SER A 76 -13.58 -42.13 -11.77
C SER A 76 -13.61 -40.72 -11.15
N CYS A 77 -14.39 -40.51 -10.09
CA CYS A 77 -14.48 -39.18 -9.46
C CYS A 77 -13.10 -38.65 -9.01
N ASP A 78 -12.18 -39.55 -8.66
CA ASP A 78 -10.84 -39.12 -8.24
C ASP A 78 -10.05 -38.42 -9.36
N LYS A 79 -10.42 -38.63 -10.63
CA LYS A 79 -9.72 -37.93 -11.72
C LYS A 79 -10.13 -36.45 -11.72
N LEU A 80 -11.08 -36.12 -10.87
CA LEU A 80 -11.62 -34.75 -10.74
C LEU A 80 -10.99 -34.03 -9.56
N LEU A 81 -9.98 -34.65 -8.97
CA LEU A 81 -9.30 -34.04 -7.84
C LEU A 81 -7.81 -33.75 -8.10
N ASP A 82 -7.41 -33.61 -9.35
CA ASP A 82 -6.03 -33.27 -9.66
C ASP A 82 -5.94 -31.94 -10.39
N ASP A 83 -4.75 -31.60 -10.88
CA ASP A 83 -4.56 -30.35 -11.59
C ASP A 83 -4.65 -30.49 -13.12
N GLU A 84 -5.11 -31.63 -13.60
CA GLU A 84 -5.27 -31.82 -15.03
C GLU A 84 -6.76 -31.68 -15.28
N LEU A 85 -7.11 -30.51 -15.80
CA LEU A 85 -8.49 -30.13 -16.02
C LEU A 85 -9.20 -30.59 -17.26
N ASP A 86 -8.48 -31.21 -18.18
CA ASP A 86 -9.09 -31.67 -19.43
C ASP A 86 -10.30 -32.56 -19.22
N ASP A 87 -10.17 -33.57 -18.35
CA ASP A 87 -11.30 -34.45 -18.15
C ASP A 87 -12.41 -33.79 -17.33
N ASP A 88 -12.07 -32.85 -16.44
CA ASP A 88 -13.10 -32.16 -15.66
C ASP A 88 -13.96 -31.36 -16.62
N ILE A 89 -13.28 -30.68 -17.54
CA ILE A 89 -13.93 -29.81 -18.52
C ILE A 89 -14.80 -30.64 -19.47
N ALA A 90 -14.30 -31.82 -19.86
CA ALA A 90 -15.05 -32.68 -20.76
C ALA A 90 -16.34 -33.14 -20.07
N CYS A 91 -16.27 -33.45 -18.77
CA CYS A 91 -17.42 -33.87 -18.01
C CYS A 91 -18.43 -32.72 -17.81
N ALA A 92 -17.91 -31.54 -17.52
CA ALA A 92 -18.76 -30.40 -17.34
C ALA A 92 -19.53 -30.12 -18.66
N LYS A 93 -18.87 -30.34 -19.79
CA LYS A 93 -19.53 -30.11 -21.08
C LYS A 93 -20.73 -31.05 -21.20
N LYS A 94 -20.55 -32.29 -20.75
CA LYS A 94 -21.65 -33.26 -20.79
C LYS A 94 -22.78 -32.75 -19.88
N ILE A 95 -22.45 -32.24 -18.70
CA ILE A 95 -23.48 -31.74 -17.82
C ILE A 95 -24.21 -30.57 -18.50
N LEU A 96 -23.44 -29.67 -19.11
CA LEU A 96 -24.02 -28.52 -19.80
C LEU A 96 -24.99 -28.97 -20.90
N ALA A 97 -24.59 -29.96 -21.67
CA ALA A 97 -25.46 -30.45 -22.74
C ALA A 97 -26.70 -31.17 -22.23
N ILE A 98 -26.55 -31.90 -21.12
CA ILE A 98 -27.66 -32.70 -20.59
C ILE A 98 -28.56 -31.99 -19.60
N LYS A 99 -27.95 -31.40 -18.57
CA LYS A 99 -28.69 -30.70 -17.54
C LYS A 99 -28.74 -29.19 -17.81
N GLY A 100 -27.62 -28.62 -18.23
CA GLY A 100 -27.58 -27.19 -18.50
C GLY A 100 -26.84 -26.48 -17.37
N ILE A 101 -26.66 -25.16 -17.50
CA ILE A 101 -25.91 -24.37 -16.53
C ILE A 101 -26.46 -24.34 -15.11
N ASP A 102 -27.76 -24.58 -14.94
CA ASP A 102 -28.28 -24.54 -13.61
C ASP A 102 -27.86 -25.69 -12.71
N TYR A 103 -27.03 -26.59 -13.23
CA TYR A 103 -26.45 -27.62 -12.37
C TYR A 103 -25.66 -26.80 -11.33
N TRP A 104 -25.05 -25.71 -11.79
CA TRP A 104 -24.22 -24.86 -10.91
C TRP A 104 -25.08 -23.78 -10.23
N LYS A 105 -25.46 -24.02 -8.99
CA LYS A 105 -26.36 -23.07 -8.32
C LYS A 105 -25.83 -21.66 -8.08
N ALA A 106 -24.53 -21.47 -8.27
CA ALA A 106 -23.94 -20.15 -8.06
C ALA A 106 -24.21 -19.22 -9.24
N TYR A 107 -24.46 -19.81 -10.40
CA TYR A 107 -24.62 -19.01 -11.62
C TYR A 107 -25.69 -17.94 -11.55
N LYS A 108 -26.92 -18.35 -11.32
CA LYS A 108 -27.98 -17.35 -11.26
C LYS A 108 -27.84 -16.21 -10.21
N PRO A 109 -27.65 -16.53 -8.92
CA PRO A 109 -27.53 -15.48 -7.89
C PRO A 109 -26.24 -14.65 -7.85
N MET A 110 -25.10 -15.26 -8.18
CA MET A 110 -23.84 -14.54 -8.12
C MET A 110 -23.24 -14.10 -9.43
N CYS A 111 -23.71 -14.63 -10.55
CA CYS A 111 -23.11 -14.31 -11.83
C CYS A 111 -24.06 -13.81 -12.91
N SER A 112 -25.08 -13.07 -12.50
CA SER A 112 -26.06 -12.55 -13.46
C SER A 112 -25.75 -11.11 -13.78
N GLU A 113 -24.82 -10.53 -13.04
CA GLU A 113 -24.42 -9.15 -13.27
C GLU A 113 -22.97 -8.99 -12.86
N LYS A 114 -22.37 -7.85 -13.22
CA LYS A 114 -20.97 -7.54 -12.90
C LYS A 114 -20.03 -8.66 -13.34
N LEU A 115 -20.08 -8.93 -14.64
CA LEU A 115 -19.28 -9.97 -15.23
C LEU A 115 -17.89 -9.47 -15.63
N GLU A 116 -17.78 -8.19 -15.99
CA GLU A 116 -16.49 -7.67 -16.42
C GLU A 116 -15.32 -7.90 -15.45
N GLN A 117 -15.60 -7.85 -14.14
CA GLN A 117 -14.56 -8.08 -13.14
C GLN A 117 -13.95 -9.48 -13.32
N TRP A 118 -14.70 -10.42 -13.91
CA TRP A 118 -14.17 -11.78 -14.07
C TRP A 118 -13.23 -12.03 -15.25
N ARG A 119 -13.01 -11.02 -16.08
CA ARG A 119 -12.11 -11.20 -17.20
C ARG A 119 -10.67 -11.34 -16.72
N CYS A 120 -9.91 -12.16 -17.43
CA CYS A 120 -8.49 -12.30 -17.16
C CYS A 120 -7.81 -11.64 -18.39
N GLU A 121 -7.18 -10.48 -18.19
CA GLU A 121 -6.47 -9.74 -19.25
C GLU A 121 -5.10 -10.36 -19.50
N LYS A 122 -4.66 -11.22 -18.61
CA LYS A 122 -3.35 -11.87 -18.76
C LYS A 122 -3.40 -12.86 -19.93
N PRO A 123 -2.49 -12.71 -20.92
CA PRO A 123 -2.48 -13.61 -22.07
C PRO A 123 -2.18 -15.06 -21.68
N LEU B 15 -8.77 15.60 26.47
CA LEU B 15 -9.73 16.71 26.65
C LEU B 15 -10.24 17.26 25.30
N THR B 16 -9.43 17.09 24.26
CA THR B 16 -9.81 17.55 22.93
C THR B 16 -10.00 16.36 21.97
N ALA B 17 -10.71 16.59 20.86
CA ALA B 17 -10.98 15.52 19.88
C ALA B 17 -9.70 14.93 19.30
N CYS B 18 -9.71 13.63 19.04
CA CYS B 18 -8.54 12.98 18.47
C CYS B 18 -8.41 13.46 17.04
N PRO B 19 -7.17 13.59 16.53
CA PRO B 19 -7.04 14.05 15.14
C PRO B 19 -7.70 13.06 14.19
N GLU B 20 -8.10 13.56 13.02
CA GLU B 20 -8.74 12.75 11.99
C GLU B 20 -7.91 11.49 11.73
N GLU B 21 -6.60 11.65 11.60
CA GLU B 21 -5.72 10.51 11.39
C GLU B 21 -4.79 10.46 12.60
N SER B 22 -4.59 9.27 13.18
CA SER B 22 -3.73 9.13 14.33
C SER B 22 -2.25 9.32 14.02
N PRO B 23 -1.53 10.04 14.88
CA PRO B 23 -0.09 10.24 14.64
C PRO B 23 0.75 9.04 15.06
N LEU B 24 0.12 8.02 15.63
CA LEU B 24 0.84 6.83 16.11
C LEU B 24 1.04 5.69 15.08
N LEU B 25 0.41 5.83 13.92
CA LEU B 25 0.47 4.80 12.89
C LEU B 25 1.86 4.49 12.36
N VAL B 26 2.11 3.21 12.14
CA VAL B 26 3.39 2.79 11.59
C VAL B 26 3.28 2.33 10.12
N GLY B 27 2.06 2.06 9.66
CA GLY B 27 1.92 1.60 8.28
C GLY B 27 2.01 0.09 8.18
N PRO B 28 2.74 -0.45 7.20
CA PRO B 28 2.83 -1.91 7.09
C PRO B 28 3.48 -2.58 8.30
N MET B 29 3.06 -3.81 8.56
CA MET B 29 3.54 -4.59 9.70
C MET B 29 3.76 -6.01 9.26
N LEU B 30 4.71 -6.67 9.91
CA LEU B 30 5.00 -8.07 9.62
C LEU B 30 3.99 -8.88 10.44
N ILE B 31 3.31 -9.83 9.81
CA ILE B 31 2.34 -10.63 10.54
C ILE B 31 2.71 -12.07 10.33
N GLU B 32 3.06 -12.76 11.42
CA GLU B 32 3.45 -14.17 11.34
C GLU B 32 2.79 -14.99 12.44
N PHE B 33 2.46 -16.23 12.13
CA PHE B 33 1.80 -17.12 13.09
C PHE B 33 2.69 -18.32 13.37
N ASN B 34 3.95 -18.04 13.66
CA ASN B 34 4.93 -19.09 13.94
C ASN B 34 5.27 -19.15 15.42
N ILE B 35 5.55 -17.98 16.00
CA ILE B 35 5.89 -17.91 17.42
C ILE B 35 4.65 -18.08 18.27
N PRO B 36 4.78 -18.79 19.39
CA PRO B 36 3.64 -19.02 20.29
C PRO B 36 3.29 -17.75 21.06
N VAL B 37 2.00 -17.53 21.28
CA VAL B 37 1.52 -16.35 22.00
C VAL B 37 1.18 -16.65 23.45
N ASP B 38 1.39 -15.65 24.30
CA ASP B 38 1.11 -15.76 25.73
C ASP B 38 0.35 -14.52 26.18
N LEU B 39 -0.95 -14.69 26.40
CA LEU B 39 -1.81 -13.58 26.78
C LEU B 39 -1.31 -12.80 27.98
N LYS B 40 -0.67 -13.50 28.92
CA LYS B 40 -0.16 -12.81 30.10
C LYS B 40 0.87 -11.78 29.65
N LEU B 41 1.63 -12.15 28.64
CA LEU B 41 2.63 -11.25 28.07
C LEU B 41 1.83 -10.17 27.33
N VAL B 42 0.84 -10.60 26.56
CA VAL B 42 0.01 -9.67 25.82
C VAL B 42 -0.55 -8.63 26.77
N GLU B 43 -1.06 -9.07 27.92
CA GLU B 43 -1.63 -8.13 28.87
C GLU B 43 -0.57 -7.20 29.42
N GLN B 44 0.63 -7.76 29.58
CA GLN B 44 1.74 -6.98 30.09
C GLN B 44 2.10 -5.88 29.09
N GLN B 45 2.16 -6.24 27.81
CA GLN B 45 2.47 -5.24 26.78
C GLN B 45 1.36 -4.21 26.59
N ASN B 46 0.14 -4.58 26.95
CA ASN B 46 -1.00 -3.67 26.78
C ASN B 46 -1.65 -3.33 28.10
N PRO B 47 -0.89 -2.69 29.00
CA PRO B 47 -1.35 -2.28 30.32
C PRO B 47 -2.56 -1.33 30.34
N LYS B 48 -2.80 -0.62 29.25
CA LYS B 48 -3.91 0.33 29.19
C LYS B 48 -5.28 -0.30 28.96
N VAL B 49 -5.29 -1.56 28.54
CA VAL B 49 -6.55 -2.27 28.29
C VAL B 49 -7.18 -2.72 29.61
N LYS B 50 -8.46 -2.37 29.83
CA LYS B 50 -9.17 -2.72 31.06
C LYS B 50 -10.01 -3.98 30.95
N LEU B 51 -10.42 -4.48 32.12
CA LEU B 51 -11.23 -5.69 32.25
C LEU B 51 -12.28 -5.82 31.15
N GLY B 52 -12.28 -6.95 30.44
CA GLY B 52 -13.26 -7.11 29.38
C GLY B 52 -12.76 -6.64 28.03
N GLY B 53 -11.50 -6.23 28.00
CA GLY B 53 -10.89 -5.76 26.78
C GLY B 53 -11.41 -4.40 26.36
N ARG B 54 -11.45 -3.48 27.31
CA ARG B 54 -11.93 -2.14 27.02
C ARG B 54 -10.73 -1.21 27.02
N TYR B 55 -10.80 -0.20 26.17
CA TYR B 55 -9.72 0.79 26.06
C TYR B 55 -10.34 2.09 25.62
N THR B 56 -9.84 3.19 26.16
CA THR B 56 -10.33 4.51 25.76
C THR B 56 -9.14 5.45 25.80
N PRO B 57 -8.91 6.21 24.73
CA PRO B 57 -7.77 7.13 24.71
C PRO B 57 -7.82 8.14 25.86
N MET B 58 -6.72 8.26 26.59
CA MET B 58 -6.68 9.22 27.67
C MET B 58 -6.07 10.50 27.16
N ASP B 59 -5.57 10.43 25.93
CA ASP B 59 -4.92 11.55 25.27
C ASP B 59 -5.84 12.54 24.58
N CYS B 60 -6.89 12.02 23.95
CA CYS B 60 -7.84 12.85 23.23
C CYS B 60 -9.16 12.13 23.30
N ILE B 61 -10.20 12.75 22.74
CA ILE B 61 -11.52 12.13 22.75
C ILE B 61 -11.84 11.55 21.37
N SER B 62 -12.02 10.23 21.31
CA SER B 62 -12.33 9.56 20.05
C SER B 62 -13.83 9.57 19.75
N PRO B 63 -14.22 9.98 18.53
CA PRO B 63 -15.66 9.97 18.30
C PRO B 63 -16.06 8.53 17.91
N HIS B 64 -15.06 7.65 17.81
CA HIS B 64 -15.26 6.25 17.45
C HIS B 64 -15.45 5.32 18.64
N LYS B 65 -16.70 5.02 18.97
CA LYS B 65 -17.01 4.11 20.07
C LYS B 65 -17.31 2.79 19.38
N VAL B 66 -16.29 1.94 19.32
CA VAL B 66 -16.34 0.69 18.58
C VAL B 66 -16.41 -0.62 19.32
N ALA B 67 -17.47 -1.38 19.08
CA ALA B 67 -17.61 -2.70 19.66
C ALA B 67 -17.11 -3.63 18.57
N ILE B 68 -16.05 -4.37 18.86
CA ILE B 68 -15.50 -5.30 17.91
C ILE B 68 -16.05 -6.69 18.26
N ILE B 69 -16.77 -7.26 17.31
CA ILE B 69 -17.46 -8.51 17.52
C ILE B 69 -16.86 -9.67 16.73
N ILE B 70 -16.46 -10.69 17.48
CA ILE B 70 -15.84 -11.87 16.91
C ILE B 70 -16.64 -13.17 17.07
N PRO B 71 -17.15 -13.72 15.95
CA PRO B 71 -17.91 -14.97 16.05
C PRO B 71 -16.90 -16.02 16.44
N PHE B 72 -17.30 -16.99 17.27
CA PHE B 72 -16.31 -17.93 17.77
C PHE B 72 -16.79 -19.30 18.21
N ARG B 73 -15.94 -20.29 17.98
CA ARG B 73 -16.17 -21.65 18.43
C ARG B 73 -14.91 -22.48 18.31
N ASN B 74 -14.34 -22.81 19.46
CA ASN B 74 -13.19 -23.70 19.47
C ASN B 74 -11.95 -23.26 18.69
N ARG B 75 -11.60 -21.98 18.75
CA ARG B 75 -10.41 -21.50 18.06
C ARG B 75 -9.62 -20.58 18.99
N GLN B 76 -9.39 -21.04 20.21
CA GLN B 76 -8.67 -20.25 21.19
C GLN B 76 -7.30 -19.82 20.69
N GLU B 77 -6.63 -20.68 19.92
CA GLU B 77 -5.31 -20.33 19.40
C GLU B 77 -5.40 -19.17 18.40
N HIS B 78 -6.43 -19.15 17.56
CA HIS B 78 -6.55 -18.04 16.61
C HIS B 78 -6.81 -16.78 17.41
N LEU B 79 -7.64 -16.91 18.44
CA LEU B 79 -7.98 -15.77 19.29
C LEU B 79 -6.71 -15.17 19.90
N LYS B 80 -5.80 -16.05 20.36
CA LYS B 80 -4.56 -15.57 20.97
C LYS B 80 -3.83 -14.65 19.99
N TYR B 81 -3.63 -15.08 18.76
CA TYR B 81 -2.95 -14.24 17.77
C TYR B 81 -3.75 -12.96 17.51
N TRP B 82 -5.06 -13.10 17.36
CA TRP B 82 -5.90 -11.93 17.08
C TRP B 82 -5.63 -10.84 18.13
N LEU B 83 -5.69 -11.24 19.40
CA LEU B 83 -5.49 -10.30 20.48
C LEU B 83 -4.08 -9.74 20.50
N TYR B 84 -3.10 -10.61 20.26
CA TYR B 84 -1.70 -10.18 20.25
C TYR B 84 -1.46 -9.10 19.17
N TYR B 85 -2.07 -9.25 18.00
CA TYR B 85 -1.84 -8.25 16.96
C TYR B 85 -2.76 -7.03 17.01
N LEU B 86 -4.06 -7.25 17.16
CA LEU B 86 -5.01 -6.15 17.18
C LEU B 86 -4.98 -5.17 18.34
N HIS B 87 -4.82 -5.64 19.58
CA HIS B 87 -4.84 -4.66 20.67
C HIS B 87 -3.87 -3.52 20.44
N PRO B 88 -2.61 -3.82 20.07
CA PRO B 88 -1.72 -2.66 19.88
C PRO B 88 -2.18 -1.83 18.69
N ILE B 89 -2.63 -2.49 17.63
CA ILE B 89 -3.08 -1.75 16.44
C ILE B 89 -4.24 -0.84 16.76
N LEU B 90 -5.25 -1.35 17.45
CA LEU B 90 -6.45 -0.58 17.78
C LEU B 90 -6.17 0.61 18.69
N GLN B 91 -5.19 0.47 19.58
CA GLN B 91 -4.83 1.57 20.49
C GLN B 91 -4.13 2.64 19.65
N ARG B 92 -3.27 2.21 18.73
CA ARG B 92 -2.58 3.16 17.84
C ARG B 92 -3.64 3.94 17.03
N GLN B 93 -4.71 3.24 16.62
CA GLN B 93 -5.78 3.87 15.85
C GLN B 93 -6.63 4.80 16.70
N GLN B 94 -6.30 4.88 17.99
CA GLN B 94 -6.99 5.80 18.87
C GLN B 94 -8.50 5.65 18.91
N LEU B 95 -8.95 4.40 19.05
CA LEU B 95 -10.38 4.09 19.12
C LEU B 95 -10.74 3.83 20.59
N ASP B 96 -12.02 4.06 20.92
CA ASP B 96 -12.58 3.84 22.24
C ASP B 96 -13.34 2.54 21.97
N TYR B 97 -12.66 1.39 22.12
CA TYR B 97 -13.25 0.10 21.75
C TYR B 97 -13.45 -0.96 22.83
N GLY B 98 -14.14 -2.03 22.44
CA GLY B 98 -14.39 -3.15 23.34
C GLY B 98 -14.32 -4.43 22.51
N ILE B 99 -13.74 -5.49 23.05
CA ILE B 99 -13.60 -6.75 22.33
C ILE B 99 -14.61 -7.80 22.82
N TYR B 100 -15.44 -8.28 21.90
CA TYR B 100 -16.46 -9.25 22.23
C TYR B 100 -16.39 -10.53 21.44
N VAL B 101 -16.08 -11.63 22.11
CA VAL B 101 -16.01 -12.93 21.49
C VAL B 101 -17.38 -13.60 21.74
N ILE B 102 -18.11 -13.90 20.65
CA ILE B 102 -19.42 -14.51 20.76
C ILE B 102 -19.27 -15.98 20.49
N ASN B 103 -19.25 -16.74 21.58
CA ASN B 103 -19.01 -18.16 21.50
C ASN B 103 -20.27 -18.98 21.33
N GLN B 104 -20.34 -19.73 20.24
CA GLN B 104 -21.49 -20.57 19.99
C GLN B 104 -21.41 -21.85 20.80
N ALA B 105 -22.33 -22.05 21.72
CA ALA B 105 -22.28 -23.28 22.49
C ALA B 105 -22.93 -24.38 21.62
N GLY B 106 -22.67 -25.63 21.96
CA GLY B 106 -23.33 -26.68 21.20
C GLY B 106 -22.63 -27.28 20.01
N GLU B 107 -23.41 -28.04 19.25
CA GLU B 107 -22.91 -28.80 18.13
C GLU B 107 -23.56 -28.56 16.77
N SER B 108 -24.50 -27.62 16.67
CA SER B 108 -25.13 -27.36 15.37
C SER B 108 -24.09 -26.67 14.47
N MET B 109 -24.38 -26.56 13.18
CA MET B 109 -23.44 -25.91 12.26
C MET B 109 -23.21 -24.47 12.71
N PHE B 110 -22.03 -23.95 12.44
CA PHE B 110 -21.67 -22.60 12.87
C PHE B 110 -22.59 -21.59 12.19
N ASN B 111 -23.04 -20.58 12.94
CA ASN B 111 -23.91 -19.53 12.40
C ASN B 111 -23.25 -18.17 12.63
N ARG B 112 -22.33 -17.81 11.75
CA ARG B 112 -21.59 -16.55 11.83
C ARG B 112 -22.47 -15.32 12.01
N ALA B 113 -23.42 -15.10 11.11
CA ALA B 113 -24.23 -13.90 11.20
C ALA B 113 -25.11 -13.82 12.46
N LYS B 114 -25.64 -14.95 12.92
CA LYS B 114 -26.45 -14.91 14.12
C LYS B 114 -25.56 -14.49 15.30
N LEU B 115 -24.35 -15.03 15.39
CA LEU B 115 -23.44 -14.66 16.47
C LEU B 115 -23.07 -13.17 16.38
N LEU B 116 -22.96 -12.63 15.17
CA LEU B 116 -22.64 -11.21 15.03
C LEU B 116 -23.85 -10.42 15.55
N ASN B 117 -25.05 -10.88 15.25
CA ASN B 117 -26.24 -10.19 15.74
C ASN B 117 -26.21 -10.18 17.26
N VAL B 118 -25.90 -11.33 17.86
CA VAL B 118 -25.85 -11.41 19.32
C VAL B 118 -24.84 -10.36 19.84
N GLY B 119 -23.64 -10.36 19.28
CA GLY B 119 -22.61 -9.40 19.69
C GLY B 119 -23.15 -7.98 19.70
N PHE B 120 -23.87 -7.61 18.65
CA PHE B 120 -24.44 -6.28 18.55
C PHE B 120 -25.33 -5.99 19.79
N LYS B 121 -26.28 -6.88 20.05
CA LYS B 121 -27.14 -6.63 21.21
C LYS B 121 -26.44 -6.63 22.56
N GLU B 122 -25.54 -7.58 22.79
CA GLU B 122 -24.84 -7.64 24.05
C GLU B 122 -23.87 -6.50 24.30
N ALA B 123 -23.16 -6.10 23.25
CA ALA B 123 -22.22 -5.01 23.40
C ALA B 123 -22.94 -3.76 23.87
N LEU B 124 -24.12 -3.50 23.31
CA LEU B 124 -24.90 -2.31 23.65
C LEU B 124 -25.29 -2.26 25.13
N LYS B 125 -25.29 -3.41 25.79
CA LYS B 125 -25.60 -3.46 27.21
C LYS B 125 -24.44 -2.85 28.03
N ASP B 126 -23.23 -2.94 27.47
CA ASP B 126 -22.03 -2.43 28.12
C ASP B 126 -21.72 -0.97 28.00
N TYR B 127 -21.98 -0.40 26.83
CA TYR B 127 -21.59 0.98 26.59
C TYR B 127 -22.39 1.44 25.40
N ASP B 128 -22.48 2.76 25.20
CA ASP B 128 -23.23 3.30 24.08
C ASP B 128 -22.36 3.41 22.81
N TYR B 129 -21.99 2.25 22.28
CA TYR B 129 -21.20 2.16 21.05
C TYR B 129 -21.97 2.70 19.84
N ASN B 130 -21.27 3.35 18.90
CA ASN B 130 -21.93 3.86 17.71
C ASN B 130 -21.39 3.25 16.42
N CYS B 131 -20.55 2.25 16.59
CA CYS B 131 -19.91 1.61 15.47
C CYS B 131 -19.62 0.16 15.84
N PHE B 132 -19.81 -0.72 14.86
CA PHE B 132 -19.59 -2.15 15.06
C PHE B 132 -18.74 -2.77 13.98
N VAL B 133 -17.62 -3.35 14.41
CA VAL B 133 -16.73 -4.02 13.50
C VAL B 133 -16.98 -5.51 13.68
N PHE B 134 -17.27 -6.20 12.60
CA PHE B 134 -17.51 -7.64 12.70
C PHE B 134 -16.28 -8.31 12.11
N SER B 135 -15.58 -9.11 12.92
CA SER B 135 -14.38 -9.77 12.41
C SER B 135 -14.20 -11.24 12.69
N ASP B 136 -13.86 -12.01 11.66
CA ASP B 136 -13.56 -13.42 11.83
C ASP B 136 -12.32 -13.39 12.74
N VAL B 137 -12.13 -14.43 13.55
CA VAL B 137 -11.03 -14.47 14.51
C VAL B 137 -9.67 -14.79 13.87
N ASP B 138 -9.71 -15.22 12.61
CA ASP B 138 -8.51 -15.61 11.89
C ASP B 138 -8.01 -14.58 10.87
N LEU B 139 -8.47 -13.33 10.96
CA LEU B 139 -8.00 -12.30 10.01
C LEU B 139 -7.25 -11.22 10.73
N ILE B 140 -6.07 -10.88 10.24
CA ILE B 140 -5.25 -9.85 10.88
C ILE B 140 -4.84 -8.81 9.81
N PRO B 141 -5.05 -7.51 10.09
CA PRO B 141 -4.68 -6.46 9.14
C PRO B 141 -3.16 -6.25 9.14
N MET B 142 -2.60 -6.10 7.94
CA MET B 142 -1.15 -5.88 7.79
C MET B 142 -0.74 -4.42 7.73
N ASN B 143 -1.70 -3.50 7.75
CA ASN B 143 -1.37 -2.07 7.71
C ASN B 143 -2.28 -1.32 8.68
N ASP B 144 -1.72 -0.67 9.72
CA ASP B 144 -2.61 -0.01 10.67
C ASP B 144 -3.33 1.22 10.14
N HIS B 145 -3.16 1.47 8.85
CA HIS B 145 -3.86 2.59 8.21
C HIS B 145 -5.28 2.12 7.85
N ASN B 146 -5.49 0.81 7.86
CA ASN B 146 -6.81 0.23 7.60
C ASN B 146 -7.52 0.36 8.95
N THR B 147 -8.15 1.51 9.20
CA THR B 147 -8.81 1.78 10.46
C THR B 147 -10.04 0.92 10.80
N TYR B 148 -10.03 0.37 12.01
CA TYR B 148 -11.15 -0.47 12.42
C TYR B 148 -12.26 0.42 12.98
N ARG B 149 -12.92 1.14 12.09
CA ARG B 149 -14.01 1.99 12.52
C ARG B 149 -15.01 2.19 11.40
N CYS B 150 -15.97 3.06 11.64
CA CYS B 150 -17.05 3.26 10.71
C CYS B 150 -16.99 4.51 9.85
N PHE B 151 -17.57 4.42 8.66
CA PHE B 151 -17.53 5.53 7.73
C PHE B 151 -18.94 5.96 7.32
N SER B 152 -19.03 6.88 6.36
CA SER B 152 -20.33 7.38 5.93
C SER B 152 -21.15 6.28 5.27
N GLN B 153 -20.46 5.27 4.75
CA GLN B 153 -21.08 4.13 4.11
C GLN B 153 -20.52 2.85 4.76
N PRO B 154 -21.27 1.73 4.72
CA PRO B 154 -20.81 0.44 5.29
C PRO B 154 -19.38 0.21 4.80
N ARG B 155 -18.51 -0.25 5.69
CA ARG B 155 -17.10 -0.45 5.34
C ARG B 155 -16.69 -1.94 5.30
N HIS B 156 -15.99 -2.32 4.24
CA HIS B 156 -15.48 -3.67 4.08
C HIS B 156 -14.00 -3.46 4.32
N ILE B 157 -13.49 -4.15 5.34
CA ILE B 157 -12.10 -3.99 5.75
C ILE B 157 -11.10 -5.05 5.23
N SER B 158 -11.50 -6.31 5.12
CA SER B 158 -10.55 -7.32 4.67
C SER B 158 -10.54 -7.43 3.14
N VAL B 159 -10.18 -6.32 2.52
CA VAL B 159 -10.19 -6.22 1.07
C VAL B 159 -9.09 -6.94 0.30
N ALA B 160 -7.95 -7.19 0.92
CA ALA B 160 -6.85 -7.86 0.20
C ALA B 160 -6.21 -8.95 1.06
N MET B 161 -7.00 -9.99 1.33
CA MET B 161 -6.57 -11.14 2.11
C MET B 161 -5.53 -11.99 1.36
N ASP B 162 -4.53 -12.51 2.07
CA ASP B 162 -3.54 -13.33 1.40
C ASP B 162 -4.21 -14.54 0.75
N LYS B 163 -5.26 -15.04 1.37
CA LYS B 163 -5.97 -16.19 0.82
C LYS B 163 -6.39 -15.90 -0.62
N PHE B 164 -6.74 -14.65 -0.90
CA PHE B 164 -7.18 -14.30 -2.26
C PHE B 164 -6.08 -13.60 -3.04
N GLY B 165 -4.83 -13.90 -2.69
CA GLY B 165 -3.69 -13.30 -3.37
C GLY B 165 -3.55 -11.80 -3.11
N PHE B 166 -3.91 -11.37 -1.90
CA PHE B 166 -3.83 -9.96 -1.54
C PHE B 166 -4.67 -9.14 -2.55
N SER B 167 -5.86 -9.67 -2.86
CA SER B 167 -6.78 -9.05 -3.82
C SER B 167 -8.22 -9.21 -3.31
N LEU B 168 -9.14 -8.42 -3.86
CA LEU B 168 -10.55 -8.54 -3.51
C LEU B 168 -11.06 -9.64 -4.49
N PRO B 169 -11.54 -10.79 -3.98
CA PRO B 169 -11.99 -11.83 -4.91
C PRO B 169 -13.16 -11.51 -5.84
N TYR B 170 -14.11 -10.72 -5.38
CA TYR B 170 -15.25 -10.31 -6.22
C TYR B 170 -15.78 -9.01 -5.61
N VAL B 171 -16.30 -8.12 -6.46
CA VAL B 171 -16.72 -6.82 -5.95
C VAL B 171 -17.86 -6.86 -4.96
N GLN B 172 -18.62 -7.95 -4.96
CA GLN B 172 -19.73 -8.07 -4.03
C GLN B 172 -19.31 -8.69 -2.70
N TYR B 173 -18.02 -8.94 -2.54
CA TYR B 173 -17.53 -9.58 -1.31
C TYR B 173 -17.54 -8.68 -0.08
N PHE B 174 -18.25 -9.15 0.95
CA PHE B 174 -18.40 -8.42 2.20
C PHE B 174 -18.08 -9.30 3.40
N GLY B 175 -17.39 -10.42 3.17
CA GLY B 175 -17.05 -11.31 4.27
C GLY B 175 -15.73 -10.91 4.93
N GLY B 176 -15.34 -11.66 5.96
CA GLY B 176 -14.08 -11.41 6.64
C GLY B 176 -14.18 -10.44 7.81
N VAL B 177 -13.91 -9.17 7.51
CA VAL B 177 -13.97 -8.10 8.48
C VAL B 177 -14.74 -6.92 7.82
N SER B 178 -15.72 -6.37 8.52
CA SER B 178 -16.46 -5.24 8.01
C SER B 178 -16.85 -4.35 9.18
N ALA B 179 -17.28 -3.13 8.88
CA ALA B 179 -17.70 -2.21 9.92
C ALA B 179 -19.01 -1.49 9.54
N LEU B 180 -19.98 -1.51 10.44
CA LEU B 180 -21.21 -0.76 10.21
C LEU B 180 -21.53 0.11 11.43
N SER B 181 -21.93 1.35 11.17
CA SER B 181 -22.33 2.23 12.25
C SER B 181 -23.63 1.64 12.73
N LYS B 182 -24.01 2.04 13.94
CA LYS B 182 -25.26 1.59 14.55
C LYS B 182 -26.41 1.83 13.60
N GLN B 183 -26.48 3.04 13.02
CA GLN B 183 -27.56 3.35 12.08
C GLN B 183 -27.61 2.44 10.86
N GLN B 184 -26.46 2.19 10.26
CA GLN B 184 -26.37 1.35 9.05
C GLN B 184 -26.88 -0.06 9.38
N PHE B 185 -26.46 -0.56 10.53
CA PHE B 185 -26.86 -1.88 10.98
C PHE B 185 -28.37 -1.90 11.26
N LEU B 186 -28.85 -0.88 11.96
CA LEU B 186 -30.29 -0.85 12.25
C LEU B 186 -31.09 -0.76 10.95
N SER B 187 -30.55 -0.01 10.00
CA SER B 187 -31.22 0.20 8.73
C SER B 187 -31.53 -1.07 7.90
N ILE B 188 -30.72 -2.13 8.02
CA ILE B 188 -30.96 -3.36 7.25
C ILE B 188 -31.56 -4.50 8.12
N ASN B 189 -32.05 -4.12 9.30
CA ASN B 189 -32.64 -5.03 10.28
C ASN B 189 -31.54 -6.00 10.69
N GLY B 190 -30.33 -5.47 10.82
CA GLY B 190 -29.20 -6.30 11.21
C GLY B 190 -28.92 -7.41 10.22
N PHE B 191 -28.32 -8.48 10.69
CA PHE B 191 -27.96 -9.57 9.81
C PHE B 191 -28.96 -10.74 9.90
N PRO B 192 -28.95 -11.67 8.92
CA PRO B 192 -29.88 -12.81 8.95
C PRO B 192 -29.54 -13.77 10.08
N ASN B 193 -30.54 -14.48 10.56
CA ASN B 193 -30.35 -15.46 11.63
C ASN B 193 -30.50 -16.87 11.07
N ASN B 194 -31.00 -16.96 9.86
CA ASN B 194 -31.24 -18.28 9.26
C ASN B 194 -30.18 -18.92 8.37
N TYR B 195 -28.94 -18.48 8.45
CA TYR B 195 -27.90 -19.10 7.61
C TYR B 195 -27.06 -20.00 8.49
N TRP B 196 -27.28 -21.30 8.37
CA TRP B 196 -26.54 -22.26 9.18
C TRP B 196 -25.50 -22.98 8.33
N GLY B 197 -24.27 -23.05 8.82
CA GLY B 197 -23.24 -23.70 8.03
C GLY B 197 -22.49 -22.62 7.27
N TRP B 198 -21.49 -23.03 6.49
CA TRP B 198 -20.66 -22.09 5.77
C TRP B 198 -21.20 -21.50 4.47
N GLY B 199 -20.85 -20.24 4.24
CA GLY B 199 -21.19 -19.56 3.00
C GLY B 199 -22.47 -18.77 2.83
N GLY B 200 -22.39 -17.72 2.00
CA GLY B 200 -23.56 -16.92 1.68
C GLY B 200 -24.14 -15.88 2.62
N GLU B 201 -23.91 -15.99 3.92
CA GLU B 201 -24.51 -15.01 4.83
C GLU B 201 -23.91 -13.64 4.60
N ASP B 202 -22.63 -13.60 4.28
CA ASP B 202 -21.98 -12.31 4.02
C ASP B 202 -22.54 -11.71 2.72
N ASP B 203 -22.94 -12.59 1.79
CA ASP B 203 -23.51 -12.11 0.52
C ASP B 203 -24.91 -11.56 0.79
N ASP B 204 -25.65 -12.24 1.68
CA ASP B 204 -27.00 -11.80 2.08
C ASP B 204 -26.85 -10.39 2.68
N ILE B 205 -25.86 -10.20 3.56
CA ILE B 205 -25.66 -8.88 4.16
C ILE B 205 -25.35 -7.86 3.04
N TYR B 206 -24.49 -8.22 2.10
CA TYR B 206 -24.19 -7.33 0.97
C TYR B 206 -25.49 -6.91 0.25
N ASN B 207 -26.35 -7.89 -0.01
CA ASN B 207 -27.65 -7.66 -0.66
C ASN B 207 -28.49 -6.66 0.18
N ARG B 208 -28.51 -6.86 1.50
CA ARG B 208 -29.26 -5.96 2.38
C ARG B 208 -28.84 -4.50 2.23
N LEU B 209 -27.53 -4.26 2.25
CA LEU B 209 -26.99 -2.92 2.14
C LEU B 209 -27.40 -2.25 0.81
N ALA B 210 -27.38 -3.05 -0.26
CA ALA B 210 -27.74 -2.56 -1.58
C ALA B 210 -29.24 -2.27 -1.63
N PHE B 211 -30.05 -3.12 -1.02
CA PHE B 211 -31.51 -2.89 -1.01
C PHE B 211 -31.83 -1.65 -0.16
N ARG B 212 -30.95 -1.29 0.78
CA ARG B 212 -31.23 -0.13 1.59
C ARG B 212 -30.56 1.15 1.09
N GLY B 213 -30.21 1.16 -0.19
CA GLY B 213 -29.60 2.33 -0.79
C GLY B 213 -28.17 2.66 -0.40
N MET B 214 -27.44 1.72 0.20
CA MET B 214 -26.06 2.01 0.60
C MET B 214 -25.03 1.40 -0.34
N SER B 215 -23.81 1.93 -0.30
CA SER B 215 -22.73 1.39 -1.12
C SER B 215 -21.59 0.97 -0.19
N VAL B 216 -20.74 0.05 -0.62
CA VAL B 216 -19.63 -0.43 0.21
C VAL B 216 -18.37 0.40 0.02
N SER B 217 -17.86 0.97 1.09
CA SER B 217 -16.62 1.76 1.07
C SER B 217 -15.48 0.81 1.43
N ARG B 218 -14.31 1.02 0.83
CA ARG B 218 -13.13 0.18 1.08
C ARG B 218 -11.81 0.94 0.95
N PRO B 219 -10.80 0.58 1.76
CA PRO B 219 -9.48 1.23 1.68
C PRO B 219 -8.92 0.57 0.42
N ASN B 220 -7.81 1.05 -0.14
CA ASN B 220 -7.31 0.41 -1.33
C ASN B 220 -6.61 -0.94 -1.01
N ALA B 221 -6.25 -1.66 -2.05
CA ALA B 221 -5.67 -3.01 -1.97
C ALA B 221 -4.32 -3.10 -1.24
N VAL B 222 -3.59 -1.99 -1.18
CA VAL B 222 -2.32 -1.93 -0.47
C VAL B 222 -2.58 -1.77 1.02
N ILE B 223 -3.38 -0.77 1.38
CA ILE B 223 -3.72 -0.48 2.77
C ILE B 223 -4.54 -1.58 3.42
N GLY B 224 -5.33 -2.27 2.61
CA GLY B 224 -6.18 -3.30 3.14
C GLY B 224 -5.64 -4.71 3.08
N LYS B 225 -4.30 -4.86 3.10
CA LYS B 225 -3.75 -6.21 3.03
C LYS B 225 -4.03 -6.88 4.38
N CYS B 226 -4.36 -8.16 4.34
CA CYS B 226 -4.69 -8.89 5.54
C CYS B 226 -4.18 -10.31 5.47
N ARG B 227 -3.89 -10.88 6.63
CA ARG B 227 -3.44 -12.26 6.68
C ARG B 227 -4.50 -13.09 7.35
N MET B 228 -4.69 -14.29 6.82
CA MET B 228 -5.66 -15.24 7.35
C MET B 228 -4.89 -16.44 7.90
N ILE B 229 -5.17 -16.80 9.14
CA ILE B 229 -4.52 -17.96 9.74
C ILE B 229 -5.27 -19.14 9.13
N ARG B 230 -4.65 -19.87 8.21
CA ARG B 230 -5.32 -21.01 7.61
C ARG B 230 -5.48 -22.13 8.65
N HIS B 231 -6.35 -23.08 8.37
CA HIS B 231 -6.65 -24.13 9.34
C HIS B 231 -7.37 -25.25 8.61
N SER B 232 -7.49 -26.39 9.27
CA SER B 232 -8.16 -27.54 8.68
C SER B 232 -9.68 -27.36 8.62
N ARG B 233 -10.31 -27.88 7.57
CA ARG B 233 -11.76 -27.76 7.43
C ARG B 233 -12.47 -28.09 8.74
N ASP B 234 -13.52 -27.33 9.03
CA ASP B 234 -14.31 -27.50 10.26
C ASP B 234 -15.51 -28.39 9.97
N LYS B 235 -15.49 -29.62 10.48
CA LYS B 235 -16.61 -30.53 10.28
C LYS B 235 -17.88 -29.93 10.89
N LYS B 236 -17.71 -28.93 11.73
CA LYS B 236 -18.87 -28.26 12.33
C LYS B 236 -19.34 -27.05 11.51
N ASN B 237 -18.71 -26.80 10.36
CA ASN B 237 -19.14 -25.68 9.51
C ASN B 237 -19.09 -26.08 8.05
N GLU B 238 -19.83 -27.13 7.72
CA GLU B 238 -19.90 -27.65 6.36
C GLU B 238 -20.66 -26.65 5.46
N PRO B 239 -20.27 -26.56 4.17
CA PRO B 239 -20.95 -25.64 3.26
C PRO B 239 -22.47 -25.81 3.32
N ASN B 240 -23.17 -24.70 3.50
CA ASN B 240 -24.62 -24.67 3.60
C ASN B 240 -25.30 -24.92 2.24
N PRO B 241 -25.90 -26.11 2.04
CA PRO B 241 -26.57 -26.46 0.77
C PRO B 241 -27.66 -25.50 0.30
N GLN B 242 -28.28 -24.77 1.23
CA GLN B 242 -29.37 -23.85 0.87
C GLN B 242 -28.88 -22.42 0.61
N ARG B 243 -27.59 -22.18 0.84
CA ARG B 243 -27.04 -20.84 0.68
C ARG B 243 -27.33 -20.14 -0.65
N PHE B 244 -27.30 -20.86 -1.77
CA PHE B 244 -27.55 -20.22 -3.06
C PHE B 244 -29.01 -19.83 -3.22
N ASP B 245 -29.91 -20.64 -2.68
CA ASP B 245 -31.33 -20.29 -2.74
C ASP B 245 -31.58 -19.11 -1.80
N ARG B 246 -31.00 -19.17 -0.61
CA ARG B 246 -31.23 -18.12 0.36
C ARG B 246 -30.82 -16.71 -0.06
N ILE B 247 -29.67 -16.56 -0.69
CA ILE B 247 -29.24 -15.23 -1.07
C ILE B 247 -30.09 -14.61 -2.18
N ALA B 248 -30.83 -15.43 -2.91
CA ALA B 248 -31.68 -14.89 -3.99
C ALA B 248 -32.95 -14.26 -3.43
N HIS B 249 -33.21 -14.45 -2.13
CA HIS B 249 -34.43 -13.94 -1.52
C HIS B 249 -34.30 -12.88 -0.43
N THR B 250 -33.10 -12.34 -0.26
CA THR B 250 -32.86 -11.32 0.75
C THR B 250 -33.86 -10.17 0.80
N LYS B 251 -34.21 -9.64 -0.36
CA LYS B 251 -35.16 -8.54 -0.45
C LYS B 251 -36.40 -8.80 0.42
N GLU B 252 -36.91 -10.04 0.39
CA GLU B 252 -38.09 -10.37 1.21
C GLU B 252 -37.72 -10.82 2.61
N THR B 253 -36.75 -11.70 2.74
CA THR B 253 -36.38 -12.20 4.07
C THR B 253 -35.71 -11.22 5.03
N MET B 254 -35.12 -10.14 4.55
CA MET B 254 -34.49 -9.20 5.49
C MET B 254 -35.54 -8.51 6.35
N LEU B 255 -36.80 -8.55 5.88
CA LEU B 255 -37.90 -7.94 6.64
C LEU B 255 -38.32 -8.79 7.84
N SER B 256 -38.23 -10.10 7.67
CA SER B 256 -38.65 -11.02 8.71
C SER B 256 -37.52 -11.79 9.43
N ASP B 257 -36.28 -11.66 8.98
CA ASP B 257 -35.18 -12.37 9.64
C ASP B 257 -34.04 -11.40 9.93
N GLY B 258 -33.89 -11.01 11.19
CA GLY B 258 -32.81 -10.11 11.53
C GLY B 258 -32.87 -9.75 13.00
N LEU B 259 -32.52 -8.51 13.29
CA LEU B 259 -32.51 -8.00 14.64
C LEU B 259 -33.90 -8.23 15.25
N ASN B 260 -34.94 -7.89 14.50
CA ASN B 260 -36.31 -8.03 14.96
C ASN B 260 -36.79 -9.44 15.23
N SER B 261 -36.02 -10.45 14.83
CA SER B 261 -36.42 -11.82 15.10
C SER B 261 -35.34 -12.58 15.83
N LEU B 262 -34.36 -11.86 16.35
CA LEU B 262 -33.27 -12.51 17.06
C LEU B 262 -33.62 -13.06 18.46
N THR B 263 -33.38 -14.35 18.68
CA THR B 263 -33.59 -14.91 20.03
C THR B 263 -32.41 -15.82 20.34
N TYR B 264 -32.03 -15.85 21.62
CA TYR B 264 -30.89 -16.65 22.07
C TYR B 264 -30.83 -16.62 23.58
N MET B 265 -30.01 -17.48 24.15
CA MET B 265 -29.86 -17.53 25.60
C MET B 265 -28.39 -17.44 25.95
N VAL B 266 -28.07 -16.52 26.84
CA VAL B 266 -26.71 -16.34 27.30
C VAL B 266 -26.43 -17.38 28.37
N LEU B 267 -25.49 -18.28 28.10
CA LEU B 267 -25.10 -19.32 29.07
C LEU B 267 -23.97 -18.87 30.02
N GLU B 268 -23.22 -17.85 29.60
CA GLU B 268 -22.11 -17.36 30.40
C GLU B 268 -21.48 -16.11 29.80
N VAL B 269 -21.11 -15.20 30.67
CA VAL B 269 -20.45 -13.97 30.25
C VAL B 269 -19.16 -13.95 31.05
N GLN B 270 -18.02 -14.02 30.36
CA GLN B 270 -16.73 -13.99 31.04
C GLN B 270 -15.99 -12.70 30.70
N ARG B 271 -15.57 -11.99 31.73
CA ARG B 271 -14.81 -10.76 31.51
C ARG B 271 -13.38 -11.14 31.82
N TYR B 272 -12.54 -11.11 30.79
CA TYR B 272 -11.15 -11.41 30.92
C TYR B 272 -10.43 -10.09 30.81
N PRO B 273 -9.13 -10.07 31.10
CA PRO B 273 -8.46 -8.78 30.99
C PRO B 273 -8.42 -8.27 29.54
N LEU B 274 -8.28 -9.16 28.57
CA LEU B 274 -8.20 -8.73 27.19
C LEU B 274 -9.47 -8.82 26.35
N TYR B 275 -10.57 -9.26 26.94
CA TYR B 275 -11.80 -9.41 26.17
C TYR B 275 -12.99 -9.92 26.95
N THR B 276 -14.17 -9.80 26.36
CA THR B 276 -15.41 -10.29 26.94
C THR B 276 -15.82 -11.47 26.07
N LYS B 277 -16.13 -12.60 26.71
CA LYS B 277 -16.55 -13.77 25.97
C LYS B 277 -17.93 -14.18 26.42
N ILE B 278 -18.88 -14.16 25.48
CA ILE B 278 -20.25 -14.53 25.74
C ILE B 278 -20.63 -15.85 25.07
N THR B 279 -20.82 -16.88 25.89
CA THR B 279 -21.20 -18.18 25.37
C THR B 279 -22.71 -18.10 25.28
N VAL B 280 -23.24 -18.41 24.09
CA VAL B 280 -24.67 -18.33 23.87
C VAL B 280 -25.25 -19.58 23.24
N ASP B 281 -26.50 -19.85 23.56
CA ASP B 281 -27.26 -20.96 22.99
C ASP B 281 -28.12 -20.28 21.95
N ILE B 282 -27.80 -20.45 20.68
CA ILE B 282 -28.59 -19.82 19.62
C ILE B 282 -29.60 -20.75 18.93
N GLY B 283 -29.93 -21.86 19.58
CA GLY B 283 -30.90 -22.77 18.99
C GLY B 283 -30.38 -23.64 17.89
N THR B 284 -31.29 -24.18 17.09
CA THR B 284 -30.90 -25.07 16.02
C THR B 284 -31.56 -24.67 14.72
N PRO B 285 -31.03 -25.16 13.59
CA PRO B 285 -31.57 -24.87 12.27
C PRO B 285 -33.07 -25.18 12.29
N SER B 286 -33.90 -24.18 12.03
CA SER B 286 -35.34 -24.39 12.06
C SER B 286 -35.90 -24.83 10.72
N THR C 1 5.68 -3.23 -5.90
CA THR C 1 7.09 -3.58 -6.24
C THR C 1 7.70 -2.50 -7.08
N GLU C 2 8.93 -2.12 -6.74
CA GLU C 2 9.64 -1.14 -7.51
C GLU C 2 10.33 -1.96 -8.60
N LEU C 3 9.76 -1.92 -9.78
CA LEU C 3 10.31 -2.68 -10.87
C LEU C 3 11.56 -2.04 -11.45
N THR C 4 12.35 -2.84 -12.16
CA THR C 4 13.55 -2.31 -12.80
C THR C 4 13.11 -1.88 -14.18
N LYS C 5 13.90 -1.05 -14.84
CA LYS C 5 13.57 -0.60 -16.19
C LYS C 5 13.38 -1.78 -17.17
N CYS C 6 14.22 -2.79 -17.04
CA CYS C 6 14.12 -3.95 -17.92
C CYS C 6 12.84 -4.74 -17.66
N LYS C 7 12.51 -4.94 -16.38
CA LYS C 7 11.30 -5.67 -15.98
C LYS C 7 10.11 -5.01 -16.65
N VAL C 8 10.06 -3.69 -16.55
CA VAL C 8 8.97 -2.88 -17.15
C VAL C 8 8.94 -2.99 -18.65
N SER C 9 10.09 -2.78 -19.30
CA SER C 9 10.16 -2.83 -20.75
C SER C 9 9.65 -4.17 -21.25
N HIS C 10 10.09 -5.24 -20.60
CA HIS C 10 9.65 -6.57 -20.99
C HIS C 10 8.16 -6.79 -20.76
N ALA C 11 7.63 -6.30 -19.64
CA ALA C 11 6.23 -6.49 -19.32
C ALA C 11 5.25 -5.66 -20.14
N ILE C 12 5.64 -4.47 -20.58
CA ILE C 12 4.74 -3.65 -21.37
C ILE C 12 4.96 -3.87 -22.85
N LYS C 13 5.73 -4.89 -23.20
CA LYS C 13 6.04 -5.15 -24.61
C LYS C 13 4.87 -4.95 -25.56
N ASP C 14 3.69 -5.39 -25.16
CA ASP C 14 2.53 -5.27 -26.03
C ASP C 14 2.00 -3.87 -26.29
N ILE C 15 2.51 -2.87 -25.59
CA ILE C 15 2.00 -1.53 -25.84
C ILE C 15 2.89 -0.80 -26.86
N ASP C 16 3.99 -1.44 -27.24
CA ASP C 16 4.95 -0.88 -28.17
C ASP C 16 4.43 -0.45 -29.55
N GLY C 17 4.50 0.85 -29.84
CA GLY C 17 4.04 1.31 -31.13
C GLY C 17 2.60 1.79 -31.16
N TYR C 18 1.82 1.45 -30.16
CA TYR C 18 0.44 1.91 -30.11
C TYR C 18 0.49 3.42 -30.10
N GLN C 19 -0.36 4.06 -30.91
CA GLN C 19 -0.40 5.51 -30.94
C GLN C 19 0.98 6.09 -31.30
N GLY C 20 1.84 5.21 -31.80
CA GLY C 20 3.17 5.65 -32.21
C GLY C 20 4.14 5.93 -31.08
N ILE C 21 3.87 5.40 -29.90
CA ILE C 21 4.77 5.61 -28.77
C ILE C 21 5.64 4.36 -28.62
N SER C 22 6.95 4.54 -28.64
CA SER C 22 7.88 3.42 -28.53
C SER C 22 8.17 2.98 -27.09
N LEU C 23 8.73 1.79 -26.93
CA LEU C 23 9.10 1.29 -25.62
C LEU C 23 10.12 2.22 -24.94
N LEU C 24 11.02 2.83 -25.73
CA LEU C 24 11.99 3.73 -25.11
C LEU C 24 11.22 4.89 -24.49
N GLU C 25 10.28 5.43 -25.25
CA GLU C 25 9.49 6.53 -24.72
C GLU C 25 8.71 6.08 -23.48
N TRP C 26 8.16 4.86 -23.49
CA TRP C 26 7.38 4.40 -22.34
C TRP C 26 8.22 4.18 -21.09
N ALA C 27 9.41 3.61 -21.24
CA ALA C 27 10.27 3.37 -20.09
C ALA C 27 10.57 4.72 -19.42
N CYS C 28 10.76 5.73 -20.24
CA CYS C 28 11.02 7.08 -19.76
C CYS C 28 9.75 7.61 -19.08
N VAL C 29 8.63 7.52 -19.77
CA VAL C 29 7.39 8.03 -19.20
C VAL C 29 7.06 7.39 -17.84
N LEU C 30 7.08 6.07 -17.79
CA LEU C 30 6.77 5.34 -16.56
C LEU C 30 7.72 5.62 -15.39
N PHE C 31 9.01 5.77 -15.67
CA PHE C 31 9.95 6.08 -14.60
C PHE C 31 9.51 7.41 -13.99
N HIS C 32 9.24 8.39 -14.83
CA HIS C 32 8.82 9.68 -14.27
C HIS C 32 7.38 9.77 -13.80
N THR C 33 6.54 8.80 -14.17
CA THR C 33 5.15 8.83 -13.73
C THR C 33 5.01 8.15 -12.35
N SER C 34 5.66 7.01 -12.17
CA SER C 34 5.53 6.28 -10.92
C SER C 34 6.82 5.76 -10.34
N GLY C 35 7.94 6.04 -10.99
CA GLY C 35 9.22 5.52 -10.48
C GLY C 35 9.24 3.99 -10.61
N TYR C 36 8.40 3.46 -11.49
CA TYR C 36 8.24 2.01 -11.71
C TYR C 36 7.61 1.29 -10.50
N ASP C 37 6.95 2.05 -9.65
CA ASP C 37 6.32 1.48 -8.45
C ASP C 37 4.91 1.00 -8.77
N THR C 38 4.73 -0.30 -8.95
CA THR C 38 3.40 -0.85 -9.26
C THR C 38 2.33 -0.58 -8.21
N GLN C 39 2.71 -0.16 -7.00
CA GLN C 39 1.72 0.12 -5.97
C GLN C 39 1.57 1.61 -5.67
N ALA C 40 2.17 2.47 -6.49
CA ALA C 40 2.07 3.90 -6.23
C ALA C 40 0.61 4.40 -6.19
N VAL C 41 0.30 5.21 -5.20
CA VAL C 41 -1.03 5.80 -5.01
C VAL C 41 -0.75 7.28 -4.71
N VAL C 42 -1.22 8.15 -5.60
CA VAL C 42 -0.95 9.56 -5.48
C VAL C 42 -2.20 10.42 -5.67
N ASN C 43 -2.38 11.40 -4.77
CA ASN C 43 -3.50 12.33 -4.86
C ASN C 43 -3.17 13.41 -5.90
N ASP C 44 -4.20 13.87 -6.61
CA ASP C 44 -4.04 14.94 -7.58
C ASP C 44 -5.38 15.69 -7.54
N ASN C 45 -5.37 16.91 -6.98
CA ASN C 45 -6.57 17.73 -6.86
C ASN C 45 -7.84 16.94 -6.59
N GLY C 46 -7.91 16.23 -5.46
CA GLY C 46 -9.12 15.49 -5.18
C GLY C 46 -9.32 14.15 -5.89
N SER C 47 -8.45 13.80 -6.83
CA SER C 47 -8.54 12.52 -7.51
C SER C 47 -7.36 11.67 -7.07
N THR C 48 -7.38 10.37 -7.39
CA THR C 48 -6.29 9.48 -7.01
C THR C 48 -5.79 8.70 -8.22
N GLU C 49 -4.48 8.67 -8.39
CA GLU C 49 -3.90 7.99 -9.54
C GLU C 49 -3.22 6.73 -9.07
N TYR C 50 -3.44 5.65 -9.82
CA TYR C 50 -2.99 4.32 -9.44
C TYR C 50 -1.98 3.55 -10.25
N GLY C 51 -1.03 2.93 -9.52
CA GLY C 51 -0.04 2.06 -10.12
C GLY C 51 1.04 2.59 -11.04
N LEU C 52 1.64 1.63 -11.76
CA LEU C 52 2.73 1.90 -12.70
C LEU C 52 2.43 3.06 -13.66
N PHE C 53 1.24 3.02 -14.23
CA PHE C 53 0.77 4.02 -15.20
C PHE C 53 0.09 5.24 -14.61
N GLN C 54 -0.12 5.25 -13.29
CA GLN C 54 -0.85 6.33 -12.59
C GLN C 54 -2.17 6.72 -13.28
N ILE C 55 -3.02 5.71 -13.37
CA ILE C 55 -4.34 5.85 -13.96
C ILE C 55 -5.29 6.42 -12.91
N SER C 56 -6.02 7.45 -13.30
CA SER C 56 -6.87 8.17 -12.40
C SER C 56 -8.25 7.60 -12.21
N ASP C 57 -8.77 7.76 -10.98
CA ASP C 57 -10.12 7.30 -10.67
C ASP C 57 -11.15 8.34 -11.12
N ARG C 58 -10.66 9.51 -11.54
CA ARG C 58 -11.56 10.57 -12.00
C ARG C 58 -12.41 10.11 -13.18
N PHE C 59 -11.79 9.47 -14.19
CA PHE C 59 -12.55 9.02 -15.36
C PHE C 59 -12.26 7.58 -15.75
N TRP C 60 -11.07 7.11 -15.43
CA TRP C 60 -10.64 5.81 -15.93
C TRP C 60 -10.89 4.53 -15.15
N CYS C 61 -10.56 4.50 -13.86
CA CYS C 61 -10.82 3.25 -13.11
C CYS C 61 -11.80 3.53 -12.00
N LYS C 62 -12.41 2.48 -11.45
CA LYS C 62 -13.38 2.68 -10.39
C LYS C 62 -12.75 2.55 -9.01
N SER C 63 -12.86 3.60 -8.20
CA SER C 63 -12.29 3.56 -6.86
C SER C 63 -13.25 2.91 -5.89
N SER C 64 -12.70 2.01 -5.09
CA SER C 64 -13.44 1.22 -4.10
C SER C 64 -13.78 2.08 -2.89
N GLU C 65 -13.36 3.34 -2.96
CA GLU C 65 -13.60 4.29 -1.90
C GLU C 65 -15.01 4.83 -2.00
N PHE C 66 -15.44 5.09 -3.24
CA PHE C 66 -16.76 5.63 -3.53
C PHE C 66 -17.28 5.23 -4.92
N PRO C 67 -18.60 5.31 -5.12
CA PRO C 67 -19.40 4.97 -6.32
C PRO C 67 -19.57 5.69 -7.67
N GLU C 68 -18.97 6.84 -7.96
CA GLU C 68 -19.32 7.46 -9.26
C GLU C 68 -18.44 7.70 -10.50
N SER C 69 -17.26 7.09 -10.63
CA SER C 69 -16.45 7.37 -11.84
C SER C 69 -17.10 6.83 -13.09
N GLU C 70 -16.76 7.40 -14.25
CA GLU C 70 -17.26 6.90 -15.52
C GLU C 70 -16.64 5.53 -15.64
N ASN C 71 -15.51 5.33 -14.97
CA ASN C 71 -14.80 4.05 -15.00
C ASN C 71 -14.68 3.62 -16.44
N ILE C 72 -14.21 4.56 -17.29
CA ILE C 72 -14.08 4.25 -18.71
C ILE C 72 -13.39 2.93 -19.02
N CYS C 73 -12.31 2.64 -18.29
CA CYS C 73 -11.59 1.40 -18.51
C CYS C 73 -12.33 0.12 -18.05
N GLY C 74 -13.40 0.28 -17.27
CA GLY C 74 -14.12 -0.89 -16.80
C GLY C 74 -13.22 -1.73 -15.92
N ILE C 75 -12.50 -1.07 -15.01
CA ILE C 75 -11.58 -1.82 -14.13
C ILE C 75 -11.50 -1.20 -12.74
N SER C 76 -11.38 -2.04 -11.72
CA SER C 76 -11.24 -1.52 -10.36
C SER C 76 -9.87 -0.87 -10.24
N CYS C 77 -9.79 0.28 -9.59
CA CYS C 77 -8.49 0.90 -9.46
C CYS C 77 -7.56 -0.03 -8.68
N ASP C 78 -8.16 -0.84 -7.82
CA ASP C 78 -7.33 -1.74 -7.02
C ASP C 78 -6.59 -2.75 -7.86
N LYS C 79 -7.12 -3.05 -9.05
CA LYS C 79 -6.47 -4.01 -9.92
C LYS C 79 -5.21 -3.43 -10.59
N LEU C 80 -4.98 -2.14 -10.38
CA LEU C 80 -3.81 -1.46 -10.95
C LEU C 80 -2.74 -1.33 -9.88
N LEU C 81 -2.97 -1.99 -8.75
CA LEU C 81 -2.01 -1.96 -7.67
C LEU C 81 -1.30 -3.30 -7.47
N ASP C 82 -1.30 -4.18 -8.46
CA ASP C 82 -0.59 -5.44 -8.28
C ASP C 82 0.52 -5.57 -9.31
N ASP C 83 1.15 -6.73 -9.39
CA ASP C 83 2.25 -6.89 -10.33
C ASP C 83 1.87 -7.49 -11.69
N GLU C 84 0.56 -7.75 -11.84
CA GLU C 84 0.00 -8.27 -13.08
C GLU C 84 -0.42 -7.03 -13.85
N LEU C 85 0.42 -6.67 -14.80
CA LEU C 85 0.28 -5.45 -15.58
C LEU C 85 -0.62 -5.49 -16.82
N ASP C 86 -1.15 -6.65 -17.18
CA ASP C 86 -1.96 -6.69 -18.38
C ASP C 86 -3.25 -5.90 -18.32
N ASP C 87 -3.92 -5.84 -17.18
CA ASP C 87 -5.10 -5.02 -17.15
C ASP C 87 -4.72 -3.53 -17.10
N ASP C 88 -3.56 -3.20 -16.52
CA ASP C 88 -3.12 -1.79 -16.49
C ASP C 88 -2.87 -1.38 -17.95
N ILE C 89 -2.23 -2.26 -18.72
CA ILE C 89 -1.93 -1.98 -20.12
C ILE C 89 -3.16 -1.84 -21.01
N ALA C 90 -4.15 -2.68 -20.77
CA ALA C 90 -5.41 -2.63 -21.51
C ALA C 90 -6.01 -1.26 -21.26
N CYS C 91 -5.96 -0.79 -20.00
CA CYS C 91 -6.52 0.54 -19.68
C CYS C 91 -5.69 1.65 -20.31
N ALA C 92 -4.36 1.53 -20.22
CA ALA C 92 -3.46 2.52 -20.81
C ALA C 92 -3.78 2.68 -22.30
N LYS C 93 -4.07 1.58 -22.97
CA LYS C 93 -4.40 1.63 -24.38
C LYS C 93 -5.68 2.42 -24.61
N LYS C 94 -6.68 2.27 -23.73
CA LYS C 94 -7.92 3.00 -23.90
C LYS C 94 -7.61 4.51 -23.75
N ILE C 95 -6.79 4.84 -22.76
CA ILE C 95 -6.42 6.23 -22.53
C ILE C 95 -5.79 6.75 -23.80
N LEU C 96 -4.90 5.96 -24.36
CA LEU C 96 -4.19 6.33 -25.58
C LEU C 96 -5.12 6.54 -26.73
N ALA C 97 -6.06 5.62 -26.92
CA ALA C 97 -7.04 5.75 -28.01
C ALA C 97 -8.01 6.92 -27.80
N ILE C 98 -8.26 7.29 -26.56
CA ILE C 98 -9.21 8.37 -26.32
C ILE C 98 -8.62 9.75 -26.06
N LYS C 99 -7.70 9.84 -25.12
CA LYS C 99 -7.06 11.10 -24.77
C LYS C 99 -5.73 11.23 -25.49
N GLY C 100 -4.99 10.13 -25.56
CA GLY C 100 -3.70 10.17 -26.22
C GLY C 100 -2.57 10.25 -25.21
N ILE C 101 -1.33 10.23 -25.69
CA ILE C 101 -0.14 10.25 -24.84
C ILE C 101 -0.08 11.41 -23.83
N ASP C 102 -0.69 12.55 -24.16
CA ASP C 102 -0.66 13.70 -23.24
C ASP C 102 -1.31 13.46 -21.89
N TYR C 103 -1.93 12.30 -21.72
CA TYR C 103 -2.50 12.00 -20.41
C TYR C 103 -1.33 11.98 -19.45
N TRP C 104 -0.19 11.44 -19.90
CA TRP C 104 1.00 11.32 -19.07
C TRP C 104 1.78 12.63 -19.15
N LYS C 105 1.66 13.46 -18.12
CA LYS C 105 2.32 14.77 -18.10
C LYS C 105 3.84 14.75 -18.15
N ALA C 106 4.44 13.61 -17.84
CA ALA C 106 5.89 13.49 -17.90
C ALA C 106 6.46 13.41 -19.35
N TYR C 107 5.64 12.98 -20.30
CA TYR C 107 6.14 12.77 -21.67
C TYR C 107 6.75 13.99 -22.34
N LYS C 108 6.00 15.05 -22.45
CA LYS C 108 6.53 16.22 -23.10
C LYS C 108 7.82 16.78 -22.50
N PRO C 109 7.80 17.10 -21.19
CA PRO C 109 9.01 17.65 -20.61
C PRO C 109 10.22 16.78 -20.40
N MET C 110 10.02 15.50 -20.12
CA MET C 110 11.14 14.63 -19.81
C MET C 110 11.48 13.56 -20.82
N CYS C 111 10.64 13.38 -21.82
CA CYS C 111 10.90 12.27 -22.73
C CYS C 111 10.87 12.69 -24.18
N SER C 112 11.23 13.94 -24.44
CA SER C 112 11.23 14.53 -25.77
C SER C 112 12.57 14.41 -26.47
N GLU C 113 13.57 13.93 -25.75
CA GLU C 113 14.90 13.78 -26.31
C GLU C 113 15.66 12.79 -25.47
N LYS C 114 16.85 12.42 -25.91
CA LYS C 114 17.67 11.47 -25.20
C LYS C 114 16.94 10.19 -24.83
N LEU C 115 16.38 9.52 -25.83
CA LEU C 115 15.61 8.31 -25.56
C LEU C 115 16.43 7.03 -25.46
N GLU C 116 17.65 7.03 -26.01
CA GLU C 116 18.45 5.80 -26.00
C GLU C 116 18.86 5.30 -24.64
N GLN C 117 18.93 6.21 -23.68
CA GLN C 117 19.31 5.84 -22.33
C GLN C 117 18.25 4.93 -21.72
N TRP C 118 17.02 5.04 -22.22
CA TRP C 118 15.90 4.25 -21.69
C TRP C 118 15.78 2.83 -22.21
N ARG C 119 16.74 2.41 -23.01
CA ARG C 119 16.74 1.06 -23.55
C ARG C 119 17.24 0.06 -22.51
N CYS C 120 16.64 -1.12 -22.47
CA CYS C 120 17.09 -2.14 -21.55
C CYS C 120 18.34 -2.70 -22.25
N GLU C 121 19.48 -2.56 -21.62
CA GLU C 121 20.77 -2.99 -22.20
C GLU C 121 21.16 -4.40 -21.84
N LYS C 122 20.25 -5.11 -21.21
CA LYS C 122 20.59 -6.44 -20.75
C LYS C 122 20.63 -7.62 -21.69
N PRO C 123 21.69 -8.45 -21.54
CA PRO C 123 21.95 -9.66 -22.31
C PRO C 123 21.04 -10.80 -21.84
N LEU D 15 52.15 26.97 6.58
CA LEU D 15 50.81 27.10 5.98
C LEU D 15 50.82 27.01 4.45
N THR D 16 50.92 25.78 3.94
CA THR D 16 50.96 25.53 2.51
C THR D 16 49.58 25.02 2.06
N ALA D 17 49.36 24.92 0.74
CA ALA D 17 48.09 24.45 0.23
C ALA D 17 47.91 22.92 0.38
N CYS D 18 46.66 22.48 0.39
CA CYS D 18 46.37 21.05 0.51
C CYS D 18 46.52 20.43 -0.87
N PRO D 19 46.94 19.15 -0.94
CA PRO D 19 47.11 18.51 -2.24
C PRO D 19 45.82 18.59 -3.09
N GLU D 20 45.95 18.50 -4.41
CA GLU D 20 44.78 18.53 -5.32
C GLU D 20 43.88 17.38 -4.92
N GLU D 21 44.50 16.22 -4.74
CA GLU D 21 43.78 15.04 -4.28
C GLU D 21 44.32 14.75 -2.89
N SER D 22 43.49 14.20 -2.03
CA SER D 22 43.90 13.90 -0.68
C SER D 22 44.51 12.51 -0.56
N PRO D 23 45.63 12.39 0.14
CA PRO D 23 46.31 11.09 0.33
C PRO D 23 45.57 10.22 1.36
N LEU D 24 44.58 10.80 2.02
CA LEU D 24 43.82 10.10 3.05
C LEU D 24 42.73 9.19 2.49
N LEU D 25 42.26 9.52 1.29
CA LEU D 25 41.17 8.77 0.66
C LEU D 25 41.38 7.28 0.76
N VAL D 26 40.27 6.56 0.96
CA VAL D 26 40.31 5.11 1.09
C VAL D 26 39.63 4.38 -0.11
N GLY D 27 38.88 5.14 -0.93
CA GLY D 27 38.17 4.57 -2.07
C GLY D 27 36.78 4.03 -1.74
N PRO D 28 36.46 2.79 -2.16
CA PRO D 28 35.13 2.25 -1.85
C PRO D 28 34.93 1.85 -0.35
N MET D 29 33.77 2.15 0.19
CA MET D 29 33.52 1.83 1.59
C MET D 29 32.16 1.18 1.85
N LEU D 30 32.07 0.42 2.95
CA LEU D 30 30.81 -0.28 3.32
C LEU D 30 29.85 0.70 3.98
N ILE D 31 28.62 0.76 3.48
CA ILE D 31 27.55 1.65 4.02
C ILE D 31 26.30 0.78 4.36
N GLU D 32 25.89 0.76 5.63
CA GLU D 32 24.71 -0.02 6.11
C GLU D 32 23.89 0.81 7.12
N PHE D 33 22.55 0.71 7.06
CA PHE D 33 21.66 1.49 7.95
C PHE D 33 20.57 0.77 8.76
N ASN D 34 20.94 -0.24 9.52
CA ASN D 34 19.95 -0.93 10.34
C ASN D 34 20.63 -1.18 11.66
N ILE D 35 21.60 -0.33 11.96
CA ILE D 35 22.38 -0.44 13.18
C ILE D 35 22.44 0.93 13.87
N PRO D 36 21.63 1.09 14.93
CA PRO D 36 21.55 2.33 15.71
C PRO D 36 22.83 3.15 15.82
N VAL D 37 22.66 4.47 15.81
CA VAL D 37 23.77 5.40 15.93
C VAL D 37 23.68 6.06 17.30
N ASP D 38 24.83 6.49 17.82
CA ASP D 38 24.90 7.17 19.10
C ASP D 38 25.67 8.46 18.84
N LEU D 39 24.94 9.58 18.83
CA LEU D 39 25.55 10.85 18.56
C LEU D 39 26.77 11.07 19.42
N LYS D 40 26.73 10.60 20.65
CA LYS D 40 27.87 10.76 21.56
C LYS D 40 29.12 10.17 20.93
N LEU D 41 29.09 8.87 20.66
CA LEU D 41 30.24 8.18 20.08
C LEU D 41 30.73 8.90 18.83
N VAL D 42 29.81 9.20 17.92
CA VAL D 42 30.20 9.90 16.73
C VAL D 42 30.92 11.16 17.22
N GLU D 43 30.36 11.76 18.25
CA GLU D 43 30.87 13.00 18.83
C GLU D 43 32.30 13.09 19.34
N GLN D 44 32.95 11.97 19.62
CA GLN D 44 34.34 12.06 20.06
C GLN D 44 35.24 11.36 19.03
N GLN D 45 34.62 10.57 18.16
CA GLN D 45 35.39 9.89 17.12
C GLN D 45 35.86 10.93 16.10
N ASN D 46 35.27 12.13 16.16
CA ASN D 46 35.62 13.24 15.27
C ASN D 46 35.86 14.47 16.15
N PRO D 47 36.72 14.32 17.18
CA PRO D 47 37.05 15.40 18.11
C PRO D 47 37.52 16.65 17.39
N LYS D 48 37.98 16.49 16.17
CA LYS D 48 38.46 17.65 15.42
C LYS D 48 37.29 18.51 14.92
N VAL D 49 36.08 17.97 15.02
CA VAL D 49 34.89 18.72 14.59
C VAL D 49 34.42 19.57 15.76
N LYS D 50 34.42 20.87 15.55
CA LYS D 50 34.03 21.82 16.57
C LYS D 50 32.53 22.13 16.55
N LEU D 51 32.00 22.49 17.72
CA LEU D 51 30.58 22.81 17.93
C LEU D 51 29.90 23.39 16.70
N GLY D 52 28.78 22.77 16.32
CA GLY D 52 28.05 23.22 15.15
C GLY D 52 28.43 22.49 13.88
N GLY D 53 29.10 21.35 14.02
CA GLY D 53 29.54 20.57 12.87
C GLY D 53 30.56 21.29 11.97
N ARG D 54 31.56 21.91 12.59
CA ARG D 54 32.59 22.64 11.86
C ARG D 54 33.93 21.94 11.86
N TYR D 55 34.69 22.15 10.80
CA TYR D 55 36.00 21.53 10.67
C TYR D 55 36.91 22.27 9.69
N THR D 56 38.21 22.22 9.97
CA THR D 56 39.19 22.84 9.11
C THR D 56 40.47 22.09 9.36
N PRO D 57 41.05 21.51 8.31
CA PRO D 57 42.28 20.74 8.39
C PRO D 57 43.37 21.51 9.12
N MET D 58 44.11 20.80 9.94
CA MET D 58 45.21 21.38 10.71
C MET D 58 46.57 21.04 10.07
N ASP D 59 46.54 20.53 8.83
CA ASP D 59 47.77 20.15 8.12
C ASP D 59 48.04 20.96 6.86
N CYS D 60 47.01 21.57 6.28
CA CYS D 60 47.20 22.33 5.05
C CYS D 60 46.01 23.27 4.77
N ILE D 61 46.24 24.29 3.96
CA ILE D 61 45.19 25.25 3.59
C ILE D 61 44.33 24.67 2.47
N SER D 62 43.05 24.46 2.76
CA SER D 62 42.14 23.92 1.76
C SER D 62 41.48 25.04 0.96
N PRO D 63 41.40 24.86 -0.35
CA PRO D 63 40.77 25.88 -1.19
C PRO D 63 39.24 25.75 -1.15
N HIS D 64 38.77 24.63 -0.60
CA HIS D 64 37.34 24.33 -0.51
C HIS D 64 36.62 24.78 0.78
N LYS D 65 36.07 25.98 0.77
CA LYS D 65 35.33 26.47 1.92
C LYS D 65 33.87 26.10 1.61
N VAL D 66 33.49 24.90 2.04
CA VAL D 66 32.17 24.34 1.74
C VAL D 66 31.09 24.12 2.82
N ALA D 67 29.92 24.70 2.60
CA ALA D 67 28.80 24.52 3.53
C ALA D 67 27.94 23.39 2.97
N ILE D 68 27.71 22.36 3.78
CA ILE D 68 26.89 21.23 3.38
C ILE D 68 25.47 21.45 3.94
N ILE D 69 24.50 21.54 3.03
CA ILE D 69 23.12 21.83 3.41
C ILE D 69 22.15 20.67 3.22
N ILE D 70 21.49 20.33 4.31
CA ILE D 70 20.54 19.23 4.35
C ILE D 70 19.14 19.75 4.66
N PRO D 71 18.19 19.57 3.74
CA PRO D 71 16.81 20.03 4.00
C PRO D 71 16.22 18.97 4.92
N PHE D 72 15.44 19.39 5.90
CA PHE D 72 14.96 18.46 6.92
C PHE D 72 13.61 18.74 7.59
N ARG D 73 12.95 17.66 8.01
CA ARG D 73 11.74 17.73 8.79
C ARG D 73 11.37 16.36 9.33
N ASN D 74 11.53 16.16 10.63
CA ASN D 74 11.17 14.89 11.25
C ASN D 74 11.87 13.63 10.76
N ARG D 75 13.17 13.70 10.49
CA ARG D 75 13.91 12.52 10.01
C ARG D 75 15.20 12.42 10.84
N GLN D 76 15.03 12.46 12.15
CA GLN D 76 16.15 12.40 13.10
C GLN D 76 16.98 11.13 12.91
N GLU D 77 16.31 9.98 12.82
CA GLU D 77 17.03 8.73 12.61
C GLU D 77 17.95 8.80 11.40
N HIS D 78 17.41 9.29 10.28
CA HIS D 78 18.19 9.46 9.06
C HIS D 78 19.41 10.36 9.29
N LEU D 79 19.18 11.48 9.95
CA LEU D 79 20.22 12.47 10.22
C LEU D 79 21.43 11.88 10.95
N LYS D 80 21.18 10.95 11.85
CA LYS D 80 22.24 10.30 12.62
C LYS D 80 23.20 9.53 11.71
N TYR D 81 22.64 8.68 10.86
CA TYR D 81 23.47 7.90 9.96
C TYR D 81 24.22 8.86 9.06
N TRP D 82 23.57 9.92 8.65
CA TRP D 82 24.24 10.86 7.78
C TRP D 82 25.47 11.44 8.50
N LEU D 83 25.30 11.79 9.77
CA LEU D 83 26.39 12.38 10.57
C LEU D 83 27.49 11.35 10.79
N TYR D 84 27.09 10.17 11.23
CA TYR D 84 28.01 9.08 11.45
C TYR D 84 28.89 8.79 10.20
N TYR D 85 28.32 8.93 9.01
CA TYR D 85 29.08 8.62 7.83
C TYR D 85 29.81 9.77 7.15
N LEU D 86 29.16 10.93 7.02
CA LEU D 86 29.85 11.99 6.30
C LEU D 86 30.99 12.71 7.02
N HIS D 87 30.98 12.72 8.35
CA HIS D 87 32.06 13.43 9.08
C HIS D 87 33.45 12.83 8.75
N PRO D 88 33.62 11.52 8.96
CA PRO D 88 34.94 10.95 8.62
C PRO D 88 35.40 11.21 7.16
N ILE D 89 34.47 11.12 6.21
CA ILE D 89 34.77 11.29 4.79
C ILE D 89 35.17 12.70 4.36
N LEU D 90 34.38 13.68 4.79
CA LEU D 90 34.60 15.08 4.46
C LEU D 90 35.95 15.56 5.03
N GLN D 91 36.39 14.89 6.11
CA GLN D 91 37.66 15.27 6.73
C GLN D 91 38.81 14.73 5.87
N ARG D 92 38.65 13.47 5.45
CA ARG D 92 39.66 12.88 4.60
C ARG D 92 39.72 13.67 3.31
N GLN D 93 38.68 14.42 2.99
CA GLN D 93 38.64 15.18 1.74
C GLN D 93 39.27 16.56 1.90
N GLN D 94 39.79 16.83 3.10
CA GLN D 94 40.47 18.09 3.37
C GLN D 94 39.67 19.35 2.98
N LEU D 95 38.37 19.30 3.26
CA LEU D 95 37.51 20.44 2.96
C LEU D 95 37.39 21.27 4.24
N ASP D 96 37.24 22.57 4.04
CA ASP D 96 37.04 23.52 5.14
C ASP D 96 35.50 23.61 5.09
N TYR D 97 34.83 22.78 5.90
CA TYR D 97 33.35 22.70 5.87
C TYR D 97 32.55 22.89 7.16
N GLY D 98 31.23 23.01 6.97
CA GLY D 98 30.27 23.16 8.05
C GLY D 98 28.99 22.39 7.71
N ILE D 99 28.39 21.72 8.70
CA ILE D 99 27.16 20.97 8.46
C ILE D 99 25.92 21.74 8.88
N TYR D 100 25.02 22.00 7.93
CA TYR D 100 23.79 22.71 8.22
C TYR D 100 22.51 21.92 7.94
N VAL D 101 21.67 21.78 8.97
CA VAL D 101 20.38 21.12 8.85
C VAL D 101 19.30 22.20 8.89
N ILE D 102 18.62 22.39 7.74
CA ILE D 102 17.58 23.39 7.59
C ILE D 102 16.24 22.69 7.81
N ASN D 103 15.69 22.91 9.01
CA ASN D 103 14.45 22.29 9.48
C ASN D 103 13.20 23.10 9.16
N GLN D 104 12.29 22.51 8.37
CA GLN D 104 11.09 23.21 7.97
C GLN D 104 10.07 23.12 9.09
N ALA D 105 9.73 24.27 9.65
CA ALA D 105 8.73 24.31 10.71
C ALA D 105 7.35 24.25 10.04
N GLY D 106 6.33 23.83 10.80
CA GLY D 106 4.99 23.83 10.23
C GLY D 106 4.50 22.56 9.55
N GLU D 107 3.29 22.65 8.98
CA GLU D 107 2.67 21.50 8.32
C GLU D 107 2.35 21.71 6.83
N SER D 108 3.10 22.59 6.17
CA SER D 108 2.89 22.81 4.74
C SER D 108 3.66 21.71 4.01
N MET D 109 3.41 21.54 2.71
CA MET D 109 4.14 20.51 1.97
C MET D 109 5.62 20.84 1.98
N PHE D 110 6.46 19.80 1.98
CA PHE D 110 7.91 19.98 2.03
C PHE D 110 8.40 20.78 0.86
N ASN D 111 9.31 21.70 1.12
CA ASN D 111 9.84 22.50 0.05
C ASN D 111 11.36 22.38 0.04
N ARG D 112 11.84 21.28 -0.53
CA ARG D 112 13.27 21.01 -0.60
C ARG D 112 14.15 22.17 -1.06
N ALA D 113 13.87 22.67 -2.26
CA ALA D 113 14.66 23.76 -2.82
C ALA D 113 14.71 25.06 -2.03
N LYS D 114 13.57 25.45 -1.44
CA LYS D 114 13.54 26.67 -0.66
C LYS D 114 14.43 26.52 0.59
N LEU D 115 14.41 25.33 1.21
CA LEU D 115 15.23 25.05 2.38
C LEU D 115 16.71 25.08 2.02
N LEU D 116 17.03 24.67 0.80
CA LEU D 116 18.40 24.71 0.32
C LEU D 116 18.79 26.18 0.16
N ASN D 117 17.89 26.99 -0.39
CA ASN D 117 18.13 28.43 -0.58
C ASN D 117 18.40 29.09 0.77
N VAL D 118 17.55 28.76 1.75
CA VAL D 118 17.67 29.25 3.11
C VAL D 118 19.05 28.87 3.64
N GLY D 119 19.44 27.62 3.39
CA GLY D 119 20.73 27.12 3.84
C GLY D 119 21.92 27.87 3.27
N PHE D 120 21.78 28.35 2.03
CA PHE D 120 22.81 29.09 1.37
C PHE D 120 23.03 30.40 2.10
N LYS D 121 21.95 31.15 2.32
CA LYS D 121 22.08 32.43 3.00
C LYS D 121 22.55 32.37 4.44
N GLU D 122 22.08 31.38 5.20
CA GLU D 122 22.47 31.24 6.60
C GLU D 122 23.88 30.72 6.81
N ALA D 123 24.34 29.83 5.96
CA ALA D 123 25.69 29.32 6.14
C ALA D 123 26.66 30.48 5.90
N LEU D 124 26.32 31.35 4.97
CA LEU D 124 27.16 32.49 4.63
C LEU D 124 27.10 33.60 5.69
N LYS D 125 26.57 33.26 6.86
CA LYS D 125 26.52 34.22 7.95
C LYS D 125 27.60 33.77 8.95
N ASP D 126 27.96 32.49 8.87
CA ASP D 126 28.96 31.90 9.74
C ASP D 126 30.38 31.94 9.19
N TYR D 127 30.49 32.06 7.86
CA TYR D 127 31.80 32.04 7.23
C TYR D 127 31.72 32.43 5.75
N ASP D 128 32.88 32.68 5.14
CA ASP D 128 32.89 33.09 3.74
C ASP D 128 33.05 31.91 2.80
N TYR D 129 32.12 30.96 2.90
CA TYR D 129 32.17 29.76 2.05
C TYR D 129 32.13 30.18 0.59
N ASN D 130 32.70 29.34 -0.27
CA ASN D 130 32.70 29.62 -1.71
C ASN D 130 32.02 28.49 -2.48
N CYS D 131 31.78 27.37 -1.78
CA CYS D 131 31.13 26.20 -2.36
C CYS D 131 29.91 25.82 -1.54
N PHE D 132 29.03 25.00 -2.11
CA PHE D 132 27.83 24.57 -1.39
C PHE D 132 27.37 23.18 -1.82
N VAL D 133 27.40 22.25 -0.88
CA VAL D 133 26.94 20.90 -1.16
C VAL D 133 25.49 20.77 -0.64
N PHE D 134 24.56 20.43 -1.53
CA PHE D 134 23.18 20.27 -1.13
C PHE D 134 22.89 18.78 -1.04
N SER D 135 22.50 18.31 0.13
CA SER D 135 22.27 16.88 0.29
C SER D 135 21.06 16.38 1.06
N ASP D 136 20.29 15.49 0.43
CA ASP D 136 19.16 14.90 1.12
C ASP D 136 19.78 14.19 2.30
N VAL D 137 19.02 14.06 3.38
CA VAL D 137 19.48 13.47 4.62
C VAL D 137 19.56 11.94 4.57
N ASP D 138 19.04 11.36 3.48
CA ASP D 138 19.05 9.90 3.38
C ASP D 138 20.02 9.24 2.39
N LEU D 139 20.91 10.03 1.80
CA LEU D 139 21.89 9.54 0.84
C LEU D 139 23.34 9.57 1.32
N ILE D 140 24.02 8.42 1.18
CA ILE D 140 25.42 8.27 1.61
C ILE D 140 26.40 7.88 0.50
N PRO D 141 27.41 8.72 0.23
CA PRO D 141 28.39 8.41 -0.83
C PRO D 141 29.11 7.09 -0.52
N MET D 142 29.52 6.34 -1.56
CA MET D 142 30.20 5.05 -1.33
C MET D 142 31.69 5.07 -1.68
N ASN D 143 32.21 6.24 -2.07
CA ASN D 143 33.60 6.37 -2.47
C ASN D 143 34.06 7.78 -2.12
N ASP D 144 34.99 7.84 -1.16
CA ASP D 144 35.46 9.14 -0.72
C ASP D 144 36.28 9.85 -1.78
N HIS D 145 36.23 9.28 -2.99
CA HIS D 145 36.88 9.88 -4.14
C HIS D 145 35.84 10.82 -4.73
N ASN D 146 34.59 10.68 -4.28
CA ASN D 146 33.51 11.54 -4.76
C ASN D 146 33.56 12.83 -3.92
N THR D 147 34.52 13.69 -4.25
CA THR D 147 34.73 14.92 -3.50
C THR D 147 33.50 15.81 -3.37
N TYR D 148 33.20 16.16 -2.13
CA TYR D 148 32.07 17.02 -1.85
C TYR D 148 32.53 18.47 -2.02
N ARG D 149 32.89 18.82 -3.26
CA ARG D 149 33.35 20.19 -3.54
C ARG D 149 32.77 20.75 -4.83
N CYS D 150 33.17 21.98 -5.17
CA CYS D 150 32.72 22.64 -6.39
C CYS D 150 33.76 22.50 -7.50
N PHE D 151 33.29 22.35 -8.75
CA PHE D 151 34.17 22.20 -9.89
C PHE D 151 33.80 23.29 -10.90
N SER D 152 34.52 23.36 -12.04
CA SER D 152 34.26 24.43 -13.01
C SER D 152 32.83 24.53 -13.51
N GLN D 153 32.06 23.45 -13.32
CA GLN D 153 30.65 23.38 -13.70
C GLN D 153 29.86 22.74 -12.56
N PRO D 154 28.60 23.17 -12.35
CA PRO D 154 27.75 22.63 -11.30
C PRO D 154 27.98 21.15 -11.29
N ARG D 155 28.22 20.62 -10.10
CA ARG D 155 28.54 19.23 -9.94
C ARG D 155 27.34 18.42 -9.44
N HIS D 156 27.11 17.23 -10.03
CA HIS D 156 26.05 16.33 -9.57
C HIS D 156 26.82 15.20 -8.94
N ILE D 157 26.64 15.06 -7.64
CA ILE D 157 27.35 14.08 -6.84
C ILE D 157 26.74 12.71 -6.62
N SER D 158 25.42 12.65 -6.48
CA SER D 158 24.79 11.34 -6.28
C SER D 158 24.47 10.76 -7.66
N VAL D 159 25.54 10.38 -8.37
CA VAL D 159 25.44 9.83 -9.71
C VAL D 159 24.71 8.49 -9.80
N ALA D 160 25.22 7.49 -9.09
CA ALA D 160 24.68 6.14 -9.15
C ALA D 160 24.20 5.53 -7.85
N MET D 161 22.93 5.76 -7.52
CA MET D 161 22.32 5.26 -6.28
C MET D 161 21.79 3.84 -6.35
N ASP D 162 21.87 3.15 -5.22
CA ASP D 162 21.41 1.79 -5.19
C ASP D 162 19.93 1.65 -5.57
N LYS D 163 19.10 2.59 -5.14
CA LYS D 163 17.66 2.56 -5.44
C LYS D 163 17.39 2.36 -6.91
N PHE D 164 18.29 2.92 -7.71
CA PHE D 164 18.23 2.89 -9.16
C PHE D 164 19.25 1.92 -9.76
N GLY D 165 19.63 0.88 -9.04
CA GLY D 165 20.58 -0.08 -9.58
C GLY D 165 21.97 0.41 -9.98
N PHE D 166 22.46 1.43 -9.27
CA PHE D 166 23.79 1.96 -9.52
C PHE D 166 24.10 2.69 -10.81
N SER D 167 23.11 3.36 -11.36
CA SER D 167 23.38 4.17 -12.53
C SER D 167 22.38 5.28 -12.48
N LEU D 168 22.65 6.37 -13.18
CA LEU D 168 21.69 7.47 -13.23
C LEU D 168 20.32 6.93 -13.60
N PRO D 169 19.27 7.47 -12.97
CA PRO D 169 17.95 6.97 -13.35
C PRO D 169 17.75 7.54 -14.76
N TYR D 170 18.36 8.70 -14.99
CA TYR D 170 18.33 9.44 -16.26
C TYR D 170 19.43 10.50 -16.27
N VAL D 171 19.98 10.78 -17.45
CA VAL D 171 21.08 11.74 -17.61
C VAL D 171 20.78 13.18 -17.24
N GLN D 172 19.50 13.55 -17.21
CA GLN D 172 19.15 14.91 -16.84
C GLN D 172 18.88 14.99 -15.34
N TYR D 173 19.34 14.00 -14.59
CA TYR D 173 19.06 13.96 -13.16
C TYR D 173 20.09 14.72 -12.34
N PHE D 174 19.62 15.73 -11.63
CA PHE D 174 20.50 16.55 -10.82
C PHE D 174 19.99 16.53 -9.37
N GLY D 175 19.30 15.43 -9.00
CA GLY D 175 18.76 15.32 -7.66
C GLY D 175 19.62 14.58 -6.65
N GLY D 176 19.15 14.51 -5.41
CA GLY D 176 19.90 13.81 -4.37
C GLY D 176 21.03 14.59 -3.72
N VAL D 177 22.21 14.60 -4.34
CA VAL D 177 23.39 15.31 -3.82
C VAL D 177 24.09 16.06 -4.95
N SER D 178 24.35 17.33 -4.76
CA SER D 178 25.00 18.13 -5.78
C SER D 178 25.90 19.24 -5.19
N ALA D 179 26.48 20.07 -6.06
CA ALA D 179 27.35 21.16 -5.56
C ALA D 179 27.47 22.35 -6.51
N LEU D 180 27.30 23.54 -5.96
CA LEU D 180 27.44 24.77 -6.73
C LEU D 180 28.27 25.84 -6.03
N SER D 181 29.20 26.40 -6.76
CA SER D 181 30.05 27.45 -6.24
C SER D 181 29.12 28.66 -6.01
N LYS D 182 29.62 29.65 -5.27
CA LYS D 182 28.82 30.83 -4.99
C LYS D 182 28.35 31.56 -6.27
N GLN D 183 29.25 31.75 -7.23
CA GLN D 183 28.85 32.46 -8.44
C GLN D 183 27.89 31.61 -9.28
N GLN D 184 28.22 30.33 -9.44
CA GLN D 184 27.34 29.45 -10.21
C GLN D 184 25.93 29.56 -9.65
N PHE D 185 25.86 29.54 -8.32
CA PHE D 185 24.59 29.62 -7.62
C PHE D 185 23.89 30.95 -7.90
N LEU D 186 24.63 32.04 -7.71
CA LEU D 186 24.02 33.35 -7.93
C LEU D 186 23.62 33.61 -9.37
N SER D 187 24.32 32.99 -10.31
CA SER D 187 24.02 33.19 -11.75
C SER D 187 22.63 32.74 -12.19
N ILE D 188 22.10 31.70 -11.54
CA ILE D 188 20.79 31.18 -11.87
C ILE D 188 19.69 31.74 -10.96
N ASN D 189 20.03 32.76 -10.17
CA ASN D 189 19.08 33.35 -9.23
C ASN D 189 18.76 32.26 -8.21
N GLY D 190 19.77 31.46 -7.86
CA GLY D 190 19.61 30.40 -6.89
C GLY D 190 18.61 29.37 -7.35
N PHE D 191 18.01 28.66 -6.39
CA PHE D 191 17.02 27.62 -6.68
C PHE D 191 15.61 28.17 -6.58
N PRO D 192 14.64 27.45 -7.15
CA PRO D 192 13.25 27.91 -7.08
C PRO D 192 12.74 27.80 -5.65
N ASN D 193 11.74 28.63 -5.29
CA ASN D 193 11.10 28.65 -3.98
C ASN D 193 9.65 28.22 -4.18
N ASN D 194 9.22 28.22 -5.44
CA ASN D 194 7.83 27.89 -5.74
C ASN D 194 7.44 26.43 -5.96
N TYR D 195 8.34 25.50 -5.65
CA TYR D 195 8.04 24.06 -5.77
C TYR D 195 7.70 23.50 -4.38
N TRP D 196 6.43 23.20 -4.13
CA TRP D 196 6.00 22.64 -2.85
C TRP D 196 5.55 21.18 -3.05
N GLY D 197 5.93 20.29 -2.13
CA GLY D 197 5.55 18.91 -2.31
C GLY D 197 6.67 18.25 -3.11
N TRP D 198 6.58 16.94 -3.24
CA TRP D 198 7.63 16.19 -3.90
C TRP D 198 7.79 16.27 -5.42
N GLY D 199 9.05 16.28 -5.84
CA GLY D 199 9.39 16.21 -7.24
C GLY D 199 9.51 17.41 -8.14
N GLY D 200 10.41 17.30 -9.10
CA GLY D 200 10.59 18.35 -10.09
C GLY D 200 11.48 19.55 -9.80
N GLU D 201 11.73 19.87 -8.52
CA GLU D 201 12.56 21.03 -8.21
C GLU D 201 13.98 20.80 -8.72
N ASP D 202 14.47 19.57 -8.56
CA ASP D 202 15.80 19.26 -9.03
C ASP D 202 15.94 19.38 -10.56
N ASP D 203 14.88 19.00 -11.28
CA ASP D 203 14.91 19.10 -12.74
C ASP D 203 14.86 20.58 -13.13
N ASP D 204 14.17 21.37 -12.32
CA ASP D 204 14.11 22.79 -12.58
C ASP D 204 15.53 23.34 -12.47
N ILE D 205 16.27 22.84 -11.48
CA ILE D 205 17.65 23.29 -11.24
C ILE D 205 18.55 22.86 -12.41
N TYR D 206 18.12 21.82 -13.13
CA TYR D 206 18.86 21.35 -14.30
C TYR D 206 18.57 22.40 -15.39
N ASN D 207 17.30 22.64 -15.65
CA ASN D 207 16.92 23.64 -16.65
C ASN D 207 17.55 25.03 -16.39
N ARG D 208 17.58 25.50 -15.13
CA ARG D 208 18.19 26.80 -14.81
C ARG D 208 19.61 26.87 -15.30
N LEU D 209 20.36 25.87 -14.89
CA LEU D 209 21.73 25.75 -15.28
C LEU D 209 21.90 26.01 -16.80
N ALA D 210 21.33 25.11 -17.62
CA ALA D 210 21.42 25.23 -19.06
C ALA D 210 21.02 26.59 -19.59
N PHE D 211 20.05 27.24 -18.95
CA PHE D 211 19.61 28.55 -19.40
C PHE D 211 20.61 29.67 -19.09
N ARG D 212 21.70 29.32 -18.40
CA ARG D 212 22.70 30.31 -18.06
C ARG D 212 24.03 29.91 -18.65
N GLY D 213 23.98 29.02 -19.64
CA GLY D 213 25.19 28.59 -20.29
C GLY D 213 26.07 27.59 -19.57
N MET D 214 25.66 27.08 -18.42
CA MET D 214 26.51 26.12 -17.72
C MET D 214 26.09 24.68 -18.02
N SER D 215 26.97 23.74 -17.73
CA SER D 215 26.72 22.31 -17.95
C SER D 215 26.92 21.56 -16.64
N VAL D 216 26.45 20.31 -16.60
CA VAL D 216 26.57 19.46 -15.42
C VAL D 216 27.82 18.61 -15.41
N SER D 217 28.62 18.73 -14.37
CA SER D 217 29.83 17.93 -14.24
C SER D 217 29.53 16.74 -13.30
N ARG D 218 30.11 15.58 -13.54
CA ARG D 218 29.85 14.42 -12.67
C ARG D 218 31.06 13.50 -12.59
N PRO D 219 31.16 12.68 -11.52
CA PRO D 219 32.30 11.76 -11.43
C PRO D 219 31.82 10.61 -12.26
N ASN D 220 32.67 9.61 -12.51
CA ASN D 220 32.15 8.49 -13.28
C ASN D 220 31.15 7.74 -12.35
N ALA D 221 30.52 6.72 -12.95
CA ALA D 221 29.51 5.88 -12.31
C ALA D 221 30.03 4.92 -11.24
N VAL D 222 31.34 4.84 -11.09
CA VAL D 222 31.90 3.97 -10.09
C VAL D 222 32.22 4.75 -8.85
N ILE D 223 32.93 5.87 -9.00
CA ILE D 223 33.25 6.65 -7.82
C ILE D 223 32.04 7.46 -7.38
N GLY D 224 31.06 7.62 -8.26
CA GLY D 224 29.87 8.36 -7.90
C GLY D 224 28.74 7.47 -7.33
N LYS D 225 29.09 6.30 -6.80
CA LYS D 225 28.06 5.43 -6.21
C LYS D 225 27.64 5.89 -4.83
N CYS D 226 26.34 5.79 -4.53
CA CYS D 226 25.83 6.15 -3.18
C CYS D 226 24.68 5.22 -2.80
N ARG D 227 24.34 5.19 -1.52
CA ARG D 227 23.21 4.39 -1.05
C ARG D 227 22.12 5.31 -0.49
N MET D 228 20.85 4.91 -0.63
CA MET D 228 19.73 5.71 -0.08
C MET D 228 19.00 4.96 1.03
N ILE D 229 18.79 5.60 2.18
CA ILE D 229 18.05 4.98 3.27
C ILE D 229 16.57 5.00 2.89
N ARG D 230 15.92 3.84 2.79
CA ARG D 230 14.50 3.81 2.40
C ARG D 230 13.55 4.00 3.58
N HIS D 231 12.51 4.79 3.33
CA HIS D 231 11.51 5.17 4.32
C HIS D 231 10.20 5.39 3.57
N SER D 232 9.07 5.20 4.25
CA SER D 232 7.78 5.40 3.60
C SER D 232 7.50 6.87 3.29
N ARG D 233 6.73 7.13 2.24
CA ARG D 233 6.42 8.49 1.83
C ARG D 233 5.78 9.31 2.95
N ASP D 234 6.22 10.56 3.05
CA ASP D 234 5.75 11.50 4.06
C ASP D 234 4.43 12.11 3.59
N LYS D 235 3.38 12.05 4.41
CA LYS D 235 2.09 12.63 4.00
C LYS D 235 2.26 14.14 3.76
N LYS D 236 3.32 14.71 4.34
CA LYS D 236 3.60 16.14 4.18
C LYS D 236 4.54 16.41 3.02
N ASN D 237 4.67 15.45 2.12
CA ASN D 237 5.51 15.65 0.94
C ASN D 237 5.03 14.80 -0.19
N GLU D 238 3.75 14.97 -0.51
CA GLU D 238 3.12 14.24 -1.59
C GLU D 238 3.56 14.83 -2.93
N PRO D 239 3.63 14.00 -3.99
CA PRO D 239 4.04 14.50 -5.30
C PRO D 239 3.29 15.78 -5.67
N ASN D 240 4.03 16.75 -6.16
CA ASN D 240 3.48 18.06 -6.54
C ASN D 240 2.73 17.93 -7.86
N PRO D 241 1.39 18.10 -7.84
CA PRO D 241 0.56 17.99 -9.04
C PRO D 241 1.01 18.95 -10.14
N GLN D 242 1.54 20.11 -9.75
CA GLN D 242 1.97 21.10 -10.75
C GLN D 242 3.39 20.89 -11.29
N ARG D 243 4.13 19.92 -10.77
CA ARG D 243 5.52 19.79 -11.16
C ARG D 243 5.88 19.71 -12.64
N PHE D 244 5.11 18.96 -13.41
CA PHE D 244 5.43 18.83 -14.83
C PHE D 244 5.22 20.14 -15.60
N ASP D 245 4.25 20.93 -15.19
CA ASP D 245 4.00 22.22 -15.84
C ASP D 245 5.14 23.15 -15.50
N ARG D 246 5.45 23.22 -14.21
CA ARG D 246 6.52 24.10 -13.74
C ARG D 246 7.89 23.89 -14.38
N ILE D 247 8.34 22.65 -14.55
CA ILE D 247 9.64 22.45 -15.14
C ILE D 247 9.75 22.82 -16.61
N ALA D 248 8.62 23.14 -17.24
CA ALA D 248 8.64 23.54 -18.65
C ALA D 248 8.70 25.06 -18.83
N HIS D 249 8.53 25.81 -17.75
CA HIS D 249 8.56 27.28 -17.88
C HIS D 249 9.68 27.91 -17.08
N THR D 250 10.71 27.12 -16.80
CA THR D 250 11.83 27.58 -16.02
C THR D 250 12.45 28.87 -16.55
N LYS D 251 12.79 28.83 -17.83
CA LYS D 251 13.41 29.96 -18.52
C LYS D 251 12.87 31.30 -18.04
N GLU D 252 11.55 31.43 -18.04
CA GLU D 252 10.87 32.64 -17.60
C GLU D 252 10.76 32.81 -16.07
N THR D 253 10.39 31.74 -15.36
CA THR D 253 10.23 31.82 -13.91
C THR D 253 11.52 31.92 -13.09
N MET D 254 12.64 31.45 -13.63
CA MET D 254 13.90 31.54 -12.91
C MET D 254 14.39 32.99 -12.86
N LEU D 255 13.58 33.90 -13.34
CA LEU D 255 13.92 35.31 -13.32
C LEU D 255 13.23 35.95 -12.14
N SER D 256 12.07 35.41 -11.77
CA SER D 256 11.30 35.97 -10.67
C SER D 256 11.13 35.03 -9.48
N ASP D 257 11.87 33.93 -9.47
CA ASP D 257 11.78 32.96 -8.38
C ASP D 257 13.13 32.39 -8.09
N GLY D 258 13.68 32.75 -6.94
CA GLY D 258 14.99 32.27 -6.54
C GLY D 258 15.54 33.17 -5.44
N LEU D 259 16.85 33.34 -5.39
CA LEU D 259 17.45 34.21 -4.37
C LEU D 259 16.82 35.59 -4.35
N ASN D 260 16.73 36.22 -5.51
CA ASN D 260 16.18 37.56 -5.57
C ASN D 260 14.72 37.63 -5.15
N SER D 261 14.17 36.52 -4.65
CA SER D 261 12.77 36.50 -4.21
C SER D 261 12.55 35.71 -2.90
N LEU D 262 13.63 35.16 -2.34
CA LEU D 262 13.56 34.38 -1.11
C LEU D 262 13.15 35.15 0.16
N THR D 263 12.14 34.65 0.86
CA THR D 263 11.72 35.29 2.11
C THR D 263 11.37 34.22 3.13
N TYR D 264 11.87 34.37 4.34
CA TYR D 264 11.66 33.40 5.41
C TYR D 264 11.95 34.00 6.79
N MET D 265 11.59 33.27 7.84
CA MET D 265 11.85 33.72 9.20
C MET D 265 12.52 32.63 10.00
N VAL D 266 13.69 32.96 10.54
CA VAL D 266 14.42 32.03 11.37
C VAL D 266 13.71 32.01 12.72
N LEU D 267 13.23 30.85 13.13
CA LEU D 267 12.55 30.72 14.41
C LEU D 267 13.51 30.28 15.50
N GLU D 268 14.56 29.56 15.10
CA GLU D 268 15.53 29.04 16.07
C GLU D 268 16.81 28.60 15.40
N VAL D 269 17.92 28.77 16.10
CA VAL D 269 19.23 28.31 15.62
C VAL D 269 19.86 27.48 16.73
N GLN D 270 20.15 26.22 16.43
CA GLN D 270 20.77 25.34 17.42
C GLN D 270 22.14 24.90 16.98
N ARG D 271 23.09 25.03 17.90
CA ARG D 271 24.45 24.62 17.63
C ARG D 271 24.66 23.38 18.48
N TYR D 272 24.75 22.24 17.79
CA TYR D 272 25.01 20.96 18.44
C TYR D 272 26.47 20.64 18.12
N PRO D 273 27.05 19.66 18.82
CA PRO D 273 28.46 19.34 18.53
C PRO D 273 28.67 18.93 17.05
N LEU D 274 27.77 18.10 16.51
CA LEU D 274 27.92 17.60 15.12
C LEU D 274 27.22 18.35 14.01
N TYR D 275 26.47 19.38 14.36
CA TYR D 275 25.79 20.11 13.31
C TYR D 275 25.01 21.31 13.83
N THR D 276 24.71 22.20 12.92
CA THR D 276 23.93 23.38 13.20
C THR D 276 22.53 23.09 12.62
N LYS D 277 21.49 23.28 13.43
CA LYS D 277 20.11 23.07 12.98
C LYS D 277 19.35 24.41 13.01
N ILE D 278 18.95 24.89 11.84
CA ILE D 278 18.23 26.16 11.71
C ILE D 278 16.74 25.90 11.40
N THR D 279 15.87 26.24 12.36
CA THR D 279 14.46 26.00 12.15
C THR D 279 13.81 27.24 11.54
N VAL D 280 13.20 27.07 10.37
CA VAL D 280 12.61 28.20 9.66
C VAL D 280 11.14 28.11 9.26
N ASP D 281 10.52 29.28 9.17
CA ASP D 281 9.15 29.40 8.72
C ASP D 281 9.32 29.92 7.30
N ILE D 282 9.03 29.06 6.30
CA ILE D 282 9.19 29.50 4.92
C ILE D 282 7.86 29.82 4.22
N GLY D 283 6.84 30.08 5.02
CA GLY D 283 5.55 30.43 4.46
C GLY D 283 4.78 29.25 3.92
N THR D 284 3.72 29.54 3.18
CA THR D 284 2.88 28.49 2.62
C THR D 284 2.75 28.65 1.13
N PRO D 285 2.34 27.58 0.44
CA PRO D 285 2.17 27.61 -1.01
C PRO D 285 1.30 28.76 -1.51
N SER D 286 1.80 29.44 -2.53
CA SER D 286 1.10 30.54 -3.16
C SER D 286 1.09 30.24 -4.65
CA CA E . -8.80 -33.91 -13.66
C1 NAG F . -18.26 -16.96 -1.62
C2 NAG F . -19.18 -17.40 -0.47
C3 NAG F . -18.97 -16.45 0.70
C4 NAG F . -17.50 -16.42 1.10
C5 NAG F . -16.62 -16.02 -0.11
C6 NAG F . -15.11 -16.07 0.21
C7 NAG F . -21.38 -18.47 -1.12
C8 NAG F . -22.81 -18.17 -1.55
N2 NAG F . -20.63 -17.36 -0.90
O1 NAG F . -18.40 -17.85 -2.68
O3 NAG F . -19.77 -16.88 1.82
O4 NAG F . -17.27 -15.50 2.18
O5 NAG F . -16.90 -16.93 -1.22
O6 NAG F . -14.70 -17.40 0.62
O7 NAG F . -20.98 -19.62 -0.99
CA CA G . -2.81 -5.10 -12.53
C1 NAG H . 11.97 12.25 -11.11
C2 NAG H . 11.49 13.45 -10.31
C3 NAG H . 12.68 14.05 -9.56
C4 NAG H . 13.34 13.01 -8.66
C5 NAG H . 13.73 11.75 -9.52
C6 NAG H . 14.23 10.59 -8.66
C7 NAG H . 9.62 14.74 -11.31
C8 NAG H . 9.31 15.79 -12.35
N2 NAG H . 10.93 14.46 -11.24
O1 NAG H . 10.84 11.68 -11.77
O3 NAG H . 12.21 15.17 -8.77
O4 NAG H . 14.50 13.53 -8.04
O5 NAG H . 12.55 11.29 -10.26
O6 NAG H . 13.25 10.18 -7.71
O7 NAG H . 8.73 14.21 -10.62
#